data_9AU5
#
_entry.id   9AU5
#
_cell.length_a   1.00
_cell.length_b   1.00
_cell.length_c   1.00
_cell.angle_alpha   90.00
_cell.angle_beta   90.00
_cell.angle_gamma   90.00
#
_symmetry.space_group_name_H-M   'P 1'
#
loop_
_entity.id
_entity.type
_entity.pdbx_description
1 polymer 'DNA polymerase theta'
2 polymer "DNA (5'-D(*AP*GP*CP*TP*CP*TP*AP*CP*GP*GP*AP*TP*GP*C)-3')"
3 polymer "DNA (5'-D(P*GP*CP*AP*TP*CP*CP*GP*TP*AP*GP*(2DA))-3')"
4 non-polymer "2'-DEOXYGUANOSINE-5'-TRIPHOSPHATE"
5 non-polymer 'MAGNESIUM ION'
#
loop_
_entity_poly.entity_id
_entity_poly.type
_entity_poly.pdbx_seq_one_letter_code
_entity_poly.pdbx_strand_id
1 'polypeptide(L)'
;GFKDNSPISDTSFSLQLSQDGLQLTPASSSSESLSIIDVASDQNLFQTFIKEWRCKKRFSISLACEKIRSLTSSKTATIG
SRFKQASSPQEIPIRDDGFPIKGCDDTLVVGLAVCWGGRDAYYFSLQKEQKHSEISASLVPPSLDPSLTLKDRMWYLQSC
LRKESDKECSVVIYDFIQSYKILLLSCGISLEQSYEDPKVACWLLDPDSQEPTLHSIVTSFLPHELPLLEGMETSQGIQS
LGLNAGSEHSGRYRASVESILIFNSMNQLNSLLQKENLQDVFRKVEMPSQYCLALLELNGIGFSTAECESQKHIMQAKLD
AIETQAYQLAGHSFSFTSSDDIAEVLFLELKLPPNREMKNQGSKKTLGSTRRGIDNGRKLRLGRQFSTSKDVLNKLKALH
PLPGLILEWRRITNAITKVVFPLQREKCLNPFLGMERIYPVSQSHTATGRITFTEPNIQNVPRDFEIKMPTLVGESPPSQ
AVGKGLLPMGRGKYKKGFSVNPRCQAQMEERAADRGMPFSISMRHAFVPFPGGSILAADYSQLELRILAHLSHDRRLIQV
LNTGADVFRSIAAEWKMIEPESVGDDLRQQAKQICYGIIYGMGAKSLGEQMGIKENDAACYIDSFKSRYTGINQFMTETV
KNCKRDGFVQTILGRRRYLPGIKDNNPYRKAHAERQAINTIVQGSAADIVKIATVNIQKQLETFHSTFKSHGHREGMLQS
DQTGLSRKRKLQGMFCPIRGGFFILQLHDELLYEVAEEDVVQVAQIVKNEMESAVKLSVKLKVKVKIGASWGELKDFDV
;
A
2 'polydeoxyribonucleotide'
;(DG)(DC)(DA)(DG)(DT)(DC)(DA)(DG)(DC)(DT)(DC)(DT)(DA)(DC)(DG)(DG)(DA)(DT)(DG)(DC)
(DC)(DT)(DC)(DA)(DC)(DA)(DG)(DC)(DA)
;
E
3 'polydeoxyribonucleotide'
;(DT)(DG)(DC)(DT)(DG)(DT)(DG)(DA)(DG)(DG)(DC)(DA)(DT)(DC)(DC)(DG)(DT)(DA)(DG)
(2DA)
;
F
#
loop_
_chem_comp.id
_chem_comp.type
_chem_comp.name
_chem_comp.formula
2DA DNA linking 2',3'-DIDEOXYADENOSINE-5'-MONOPHOSPHATE 'C10 H14 N5 O5 P'
DA DNA linking 2'-DEOXYADENOSINE-5'-MONOPHOSPHATE 'C10 H14 N5 O6 P'
DC DNA linking 2'-DEOXYCYTIDINE-5'-MONOPHOSPHATE 'C9 H14 N3 O7 P'
DG DNA linking 2'-DEOXYGUANOSINE-5'-MONOPHOSPHATE 'C10 H14 N5 O7 P'
DGT non-polymer 2'-DEOXYGUANOSINE-5'-TRIPHOSPHATE 'C10 H16 N5 O13 P3'
DT DNA linking THYMIDINE-5'-MONOPHOSPHATE 'C10 H15 N2 O8 P'
MG non-polymer 'MAGNESIUM ION' 'Mg 2'
#
# COMPACT_ATOMS: atom_id res chain seq x y z
N SER A 33 4.94 17.83 -36.24
CA SER A 33 5.38 16.56 -35.67
C SER A 33 6.22 16.78 -34.42
N LEU A 34 7.28 16.00 -34.28
CA LEU A 34 8.18 16.14 -33.14
C LEU A 34 8.90 17.48 -33.19
N SER A 35 9.06 18.09 -32.01
CA SER A 35 9.74 19.38 -31.92
C SER A 35 10.43 19.43 -30.56
N ILE A 36 11.75 19.22 -30.55
CA ILE A 36 12.54 19.17 -29.33
C ILE A 36 13.52 20.34 -29.35
N ILE A 37 13.51 21.14 -28.28
CA ILE A 37 14.35 22.33 -28.18
C ILE A 37 15.39 22.08 -27.11
N ASP A 38 16.66 22.16 -27.48
CA ASP A 38 17.76 22.00 -26.54
C ASP A 38 17.99 23.33 -25.83
N VAL A 39 17.47 23.44 -24.61
CA VAL A 39 17.58 24.68 -23.84
C VAL A 39 18.94 24.82 -23.17
N ALA A 40 19.80 23.82 -23.27
CA ALA A 40 21.12 23.86 -22.66
C ALA A 40 22.23 24.17 -23.65
N SER A 41 21.88 24.61 -24.85
CA SER A 41 22.86 24.89 -25.90
C SER A 41 23.17 26.37 -26.04
N ASP A 42 22.17 27.24 -25.91
CA ASP A 42 22.35 28.68 -26.06
C ASP A 42 21.93 29.38 -24.78
N GLN A 43 22.69 30.41 -24.40
CA GLN A 43 22.39 31.13 -23.16
C GLN A 43 21.08 31.89 -23.28
N ASN A 44 20.87 32.60 -24.39
CA ASN A 44 19.62 33.33 -24.58
C ASN A 44 18.43 32.39 -24.65
N LEU A 45 18.59 31.26 -25.34
CA LEU A 45 17.52 30.26 -25.38
C LEU A 45 17.24 29.71 -23.99
N PHE A 46 18.30 29.48 -23.20
CA PHE A 46 18.11 28.99 -21.83
C PHE A 46 17.34 29.99 -21.00
N GLN A 47 17.68 31.28 -21.11
CA GLN A 47 16.98 32.30 -20.34
C GLN A 47 15.52 32.41 -20.77
N THR A 48 15.27 32.33 -22.08
CA THR A 48 13.89 32.36 -22.56
C THR A 48 13.10 31.16 -22.05
N PHE A 49 13.72 29.98 -22.07
CA PHE A 49 13.08 28.78 -21.55
C PHE A 49 12.77 28.92 -20.07
N ILE A 50 13.71 29.47 -19.29
CA ILE A 50 13.48 29.66 -17.86
C ILE A 50 12.34 30.64 -17.63
N LYS A 51 12.32 31.73 -18.38
CA LYS A 51 11.25 32.72 -18.22
C LYS A 51 9.89 32.13 -18.57
N GLU A 52 9.82 31.35 -19.65
CA GLU A 52 8.56 30.71 -20.00
C GLU A 52 8.14 29.69 -18.96
N TRP A 53 9.12 28.97 -18.39
CA TRP A 53 8.82 28.01 -17.34
C TRP A 53 8.24 28.70 -16.10
N ARG A 54 8.85 29.81 -15.69
CA ARG A 54 8.35 30.55 -14.53
C ARG A 54 6.96 31.11 -14.81
N CYS A 55 6.74 31.63 -16.02
CA CYS A 55 5.44 32.18 -16.36
C CYS A 55 4.35 31.11 -16.36
N LYS A 56 4.66 29.93 -16.89
CA LYS A 56 3.67 28.87 -16.97
C LYS A 56 3.34 28.30 -15.60
N LYS A 57 2.09 27.91 -15.42
CA LYS A 57 1.60 27.36 -14.15
C LYS A 57 1.29 25.88 -14.24
N ARG A 58 1.80 25.19 -15.26
CA ARG A 58 1.52 23.76 -15.44
C ARG A 58 2.62 23.17 -16.32
N PHE A 59 3.43 22.29 -15.74
CA PHE A 59 4.53 21.67 -16.44
C PHE A 59 4.24 20.19 -16.71
N SER A 60 5.13 19.55 -17.45
CA SER A 60 5.02 18.13 -17.77
C SER A 60 6.39 17.47 -17.71
N ILE A 61 7.16 17.77 -16.66
CA ILE A 61 8.54 17.32 -16.64
C ILE A 61 8.63 15.81 -16.66
N SER A 62 9.77 15.31 -17.15
CA SER A 62 10.02 13.89 -17.28
C SER A 62 11.53 13.65 -17.18
N LEU A 63 11.90 12.41 -16.91
CA LEU A 63 13.30 12.03 -16.70
C LEU A 63 13.79 11.21 -17.88
N ALA A 64 14.97 11.56 -18.38
CA ALA A 64 15.63 10.83 -19.46
C ALA A 64 16.66 9.90 -18.83
N CYS A 65 16.50 8.60 -19.07
CA CYS A 65 17.41 7.59 -18.52
C CYS A 65 17.92 6.70 -19.64
N GLU A 66 19.24 6.57 -19.72
CA GLU A 66 19.91 5.73 -20.70
C GLU A 66 20.80 4.72 -19.98
N LYS A 67 21.51 3.92 -20.78
CA LYS A 67 22.51 3.02 -20.23
C LYS A 67 23.79 3.79 -19.89
N ILE A 68 24.65 3.14 -19.10
CA ILE A 68 25.92 3.77 -18.73
C ILE A 68 26.79 4.00 -19.95
N ARG A 69 26.85 3.01 -20.85
CA ARG A 69 27.65 3.10 -22.08
C ARG A 69 29.12 3.40 -21.77
N SER A 70 29.64 2.78 -20.71
CA SER A 70 31.02 2.98 -20.31
C SER A 70 31.95 2.03 -21.06
N ILE A 94 29.79 7.88 -16.12
CA ILE A 94 29.85 8.07 -14.67
C ILE A 94 30.46 9.42 -14.35
N ARG A 95 29.69 10.27 -13.68
CA ARG A 95 30.04 11.63 -13.25
C ARG A 95 30.21 12.59 -14.41
N ASP A 96 30.16 12.12 -15.66
CA ASP A 96 30.21 12.99 -16.82
C ASP A 96 28.95 12.90 -17.66
N ASP A 97 28.45 11.70 -17.92
CA ASP A 97 27.24 11.53 -18.70
C ASP A 97 25.98 11.94 -17.94
N GLY A 98 26.05 11.99 -16.61
CA GLY A 98 24.90 12.40 -15.83
C GLY A 98 25.02 11.88 -14.41
N PHE A 99 23.90 11.99 -13.69
CA PHE A 99 23.81 11.59 -12.29
C PHE A 99 23.46 10.11 -12.19
N PRO A 100 24.23 9.31 -11.45
CA PRO A 100 23.90 7.89 -11.31
C PRO A 100 22.63 7.70 -10.49
N ILE A 101 21.68 6.96 -11.06
CA ILE A 101 20.40 6.70 -10.39
C ILE A 101 20.61 5.65 -9.31
N LYS A 102 20.09 5.93 -8.12
CA LYS A 102 20.22 4.98 -7.01
C LYS A 102 19.51 3.68 -7.33
N GLY A 103 20.12 2.57 -6.94
CA GLY A 103 19.57 1.25 -7.22
C GLY A 103 20.38 0.50 -8.26
N CYS A 104 19.80 0.32 -9.45
CA CYS A 104 20.52 -0.33 -10.53
C CYS A 104 21.69 0.52 -10.99
N ASP A 105 22.84 -0.12 -11.21
CA ASP A 105 24.04 0.58 -11.63
C ASP A 105 24.22 0.61 -13.14
N ASP A 106 23.30 0.00 -13.90
CA ASP A 106 23.38 -0.02 -15.35
C ASP A 106 22.59 1.10 -16.01
N THR A 107 21.93 1.96 -15.23
CA THR A 107 21.15 3.06 -15.76
C THR A 107 21.71 4.38 -15.27
N LEU A 108 21.44 5.44 -16.03
CA LEU A 108 21.94 6.77 -15.69
C LEU A 108 20.96 7.81 -16.23
N VAL A 109 20.91 8.97 -15.56
CA VAL A 109 20.03 10.05 -15.95
C VAL A 109 20.81 11.04 -16.82
N VAL A 110 20.15 11.60 -17.82
CA VAL A 110 20.81 12.47 -18.79
C VAL A 110 20.22 13.88 -18.74
N GLY A 111 18.94 13.97 -18.40
CA GLY A 111 18.30 15.27 -18.35
C GLY A 111 16.80 15.14 -18.20
N LEU A 112 16.14 16.29 -18.22
CA LEU A 112 14.70 16.39 -18.09
C LEU A 112 14.08 16.83 -19.40
N ALA A 113 12.77 16.62 -19.52
CA ALA A 113 12.01 17.08 -20.68
C ALA A 113 10.73 17.73 -20.18
N VAL A 114 10.51 18.99 -20.55
CA VAL A 114 9.36 19.77 -20.12
C VAL A 114 8.54 20.14 -21.35
N CYS A 115 7.22 20.00 -21.24
CA CYS A 115 6.31 20.28 -22.35
C CYS A 115 5.06 20.97 -21.78
N TRP A 116 5.02 22.29 -21.89
CA TRP A 116 3.87 23.06 -21.42
C TRP A 116 2.90 23.35 -22.56
N GLY A 117 2.48 22.29 -23.23
CA GLY A 117 1.50 22.43 -24.29
C GLY A 117 2.12 22.23 -25.67
N GLY A 118 1.32 21.68 -26.58
CA GLY A 118 1.76 21.47 -27.94
C GLY A 118 2.80 20.37 -28.05
N ARG A 119 3.43 20.33 -29.21
CA ARG A 119 4.51 19.38 -29.47
C ARG A 119 5.86 19.88 -28.99
N ASP A 120 5.92 21.08 -28.43
CA ASP A 120 7.17 21.59 -27.89
C ASP A 120 7.61 20.75 -26.69
N ALA A 121 8.87 20.33 -26.69
CA ALA A 121 9.41 19.37 -25.73
C ALA A 121 10.74 19.86 -25.19
N TYR A 122 10.78 21.10 -24.71
CA TYR A 122 12.01 21.72 -24.21
C TYR A 122 12.79 20.76 -23.32
N TYR A 123 13.98 20.40 -23.76
CA TYR A 123 14.81 19.38 -23.10
C TYR A 123 15.87 20.10 -22.27
N PHE A 124 15.78 19.95 -20.95
CA PHE A 124 16.75 20.51 -20.02
C PHE A 124 17.87 19.48 -19.87
N SER A 125 18.98 19.71 -20.56
CA SER A 125 20.08 18.77 -20.55
C SER A 125 20.91 18.93 -19.29
N LEU A 126 21.11 17.84 -18.56
CA LEU A 126 22.01 17.80 -17.40
C LEU A 126 23.37 17.25 -17.77
N GLN A 127 23.66 17.10 -19.06
CA GLN A 127 24.96 16.60 -19.50
C GLN A 127 26.06 17.57 -19.13
N LYS A 128 27.22 17.04 -18.76
CA LYS A 128 28.39 17.86 -18.48
C LYS A 128 29.13 18.26 -19.76
N GLU A 129 28.75 17.73 -20.91
CA GLU A 129 29.40 18.08 -22.17
C GLU A 129 28.72 19.27 -22.83
N ASP A 145 27.37 23.63 -24.06
CA ASP A 145 27.57 25.06 -23.84
C ASP A 145 28.38 25.30 -22.56
N PRO A 146 29.65 25.70 -22.72
CA PRO A 146 30.49 25.94 -21.55
C PRO A 146 29.98 27.06 -20.65
N SER A 147 29.23 28.01 -21.19
CA SER A 147 28.71 29.11 -20.37
C SER A 147 27.71 28.61 -19.34
N LEU A 148 27.02 27.50 -19.62
CA LEU A 148 26.05 26.91 -18.70
C LEU A 148 26.73 25.72 -18.01
N THR A 149 27.34 25.98 -16.86
CA THR A 149 27.95 24.92 -16.08
C THR A 149 26.87 24.15 -15.34
N LEU A 150 27.27 23.07 -14.66
CA LEU A 150 26.30 22.26 -13.93
C LEU A 150 25.68 23.03 -12.78
N LYS A 151 26.47 23.88 -12.11
CA LYS A 151 25.99 24.57 -10.91
C LYS A 151 24.82 25.48 -11.23
N ASP A 152 24.98 26.38 -12.22
CA ASP A 152 23.91 27.32 -12.51
C ASP A 152 22.71 26.63 -13.14
N ARG A 153 22.96 25.60 -13.95
CA ARG A 153 21.85 24.85 -14.55
C ARG A 153 21.02 24.17 -13.47
N MET A 154 21.68 23.54 -12.50
CA MET A 154 20.96 22.87 -11.43
C MET A 154 20.27 23.88 -10.52
N TRP A 155 20.89 25.04 -10.30
CA TRP A 155 20.24 26.08 -9.51
C TRP A 155 18.96 26.56 -10.18
N TYR A 156 19.02 26.79 -11.50
CA TYR A 156 17.82 27.19 -12.24
C TYR A 156 16.76 26.09 -12.18
N LEU A 157 17.17 24.83 -12.32
CA LEU A 157 16.24 23.72 -12.27
C LEU A 157 15.54 23.64 -10.92
N GLN A 158 16.30 23.82 -9.83
CA GLN A 158 15.72 23.79 -8.50
C GLN A 158 14.79 24.98 -8.28
N SER A 159 15.21 26.17 -8.73
CA SER A 159 14.39 27.37 -8.54
C SER A 159 13.06 27.27 -9.29
N CYS A 160 13.09 26.75 -10.52
CA CYS A 160 11.86 26.63 -11.30
C CYS A 160 10.99 25.48 -10.82
N LEU A 161 11.54 24.53 -10.06
CA LEU A 161 10.79 23.40 -9.54
C LEU A 161 10.40 23.56 -8.08
N ARG A 162 10.60 24.76 -7.51
CA ARG A 162 10.25 25.03 -6.13
C ARG A 162 9.04 25.94 -6.08
N LYS A 163 8.07 25.59 -5.24
CA LYS A 163 6.83 26.34 -5.11
C LYS A 163 6.93 27.27 -3.91
N GLU A 164 6.62 28.55 -4.14
CA GLU A 164 6.66 29.54 -3.08
C GLU A 164 5.75 30.70 -3.46
N SER A 165 5.39 31.50 -2.45
CA SER A 165 4.57 32.70 -2.63
C SER A 165 3.26 32.38 -3.36
N ASP A 166 2.65 31.25 -3.01
CA ASP A 166 1.37 30.83 -3.56
C ASP A 166 1.41 30.75 -5.08
N LYS A 167 2.48 30.17 -5.61
CA LYS A 167 2.65 29.98 -7.05
C LYS A 167 2.07 28.61 -7.41
N GLU A 168 0.82 28.59 -7.85
CA GLU A 168 0.16 27.34 -8.21
C GLU A 168 0.79 26.78 -9.48
N CYS A 169 1.43 25.62 -9.35
CA CYS A 169 2.05 24.94 -10.48
C CYS A 169 1.73 23.45 -10.38
N SER A 170 1.10 22.91 -11.42
CA SER A 170 0.73 21.50 -11.45
C SER A 170 1.72 20.76 -12.35
N VAL A 171 2.74 20.18 -11.73
CA VAL A 171 3.72 19.39 -12.45
C VAL A 171 3.10 18.05 -12.81
N VAL A 172 3.12 17.71 -14.10
CA VAL A 172 2.58 16.44 -14.58
C VAL A 172 3.75 15.48 -14.77
N ILE A 173 3.71 14.37 -14.04
CA ILE A 173 4.79 13.38 -14.08
C ILE A 173 4.18 12.00 -14.18
N TYR A 174 4.54 11.25 -15.21
CA TYR A 174 4.21 9.84 -15.27
C TYR A 174 5.05 9.08 -14.25
N ASP A 175 4.41 8.16 -13.51
CA ASP A 175 5.07 7.42 -12.44
C ASP A 175 5.72 8.40 -11.46
N PHE A 176 4.87 9.20 -10.82
CA PHE A 176 5.35 10.31 -10.01
C PHE A 176 6.25 9.84 -8.87
N ILE A 177 5.92 8.70 -8.26
CA ILE A 177 6.71 8.22 -7.12
C ILE A 177 8.15 7.93 -7.55
N GLN A 178 8.31 7.17 -8.63
CA GLN A 178 9.65 6.78 -9.06
C GLN A 178 10.43 7.98 -9.58
N SER A 179 9.78 8.88 -10.33
CA SER A 179 10.46 10.07 -10.82
C SER A 179 10.86 11.00 -9.68
N TYR A 180 10.01 11.13 -8.67
CA TYR A 180 10.36 11.91 -7.48
C TYR A 180 11.57 11.31 -6.77
N LYS A 181 11.58 9.99 -6.61
CA LYS A 181 12.71 9.34 -5.97
C LYS A 181 13.99 9.53 -6.79
N ILE A 182 13.89 9.43 -8.11
CA ILE A 182 15.06 9.62 -8.96
C ILE A 182 15.56 11.05 -8.88
N LEU A 183 14.65 12.02 -8.92
CA LEU A 183 15.05 13.42 -8.85
C LEU A 183 15.69 13.76 -7.51
N LEU A 184 15.22 13.14 -6.42
CA LEU A 184 15.80 13.43 -5.11
C LEU A 184 17.12 12.71 -4.90
N LEU A 185 17.14 11.40 -5.08
CA LEU A 185 18.31 10.62 -4.69
C LEU A 185 19.52 10.89 -5.57
N SER A 186 19.30 11.08 -6.88
CA SER A 186 20.41 11.32 -7.80
C SER A 186 20.61 12.79 -8.12
N CYS A 187 19.57 13.49 -8.56
CA CYS A 187 19.70 14.90 -8.91
C CYS A 187 19.72 15.81 -7.69
N GLY A 188 19.23 15.36 -6.55
CA GLY A 188 19.14 16.21 -5.38
C GLY A 188 18.18 17.37 -5.53
N ILE A 189 17.05 17.15 -6.20
CA ILE A 189 16.06 18.19 -6.46
C ILE A 189 14.79 17.84 -5.72
N SER A 190 14.35 18.73 -4.83
CA SER A 190 13.17 18.50 -4.01
C SER A 190 11.96 19.10 -4.72
N LEU A 191 11.09 18.23 -5.24
CA LEU A 191 9.87 18.69 -5.89
C LEU A 191 8.88 19.14 -4.82
N GLU A 192 8.39 20.37 -4.93
CA GLU A 192 7.48 20.93 -3.95
C GLU A 192 6.19 21.48 -4.54
N GLN A 193 6.01 21.39 -5.86
CA GLN A 193 4.79 21.87 -6.49
C GLN A 193 3.70 20.79 -6.41
N SER A 194 2.56 21.06 -7.03
CA SER A 194 1.52 20.06 -7.14
C SER A 194 1.91 19.00 -8.16
N TYR A 195 1.31 17.83 -8.03
CA TYR A 195 1.61 16.69 -8.90
C TYR A 195 0.34 16.18 -9.55
N GLU A 196 0.45 15.77 -10.81
CA GLU A 196 -0.69 15.35 -11.61
C GLU A 196 -0.38 14.07 -12.38
N ASP A 197 0.11 13.06 -11.65
CA ASP A 197 0.46 11.77 -12.22
C ASP A 197 -0.65 11.24 -13.11
N PRO A 198 -0.39 11.05 -14.42
CA PRO A 198 -1.41 10.46 -15.29
C PRO A 198 -1.80 9.04 -14.90
N LYS A 199 -0.88 8.25 -14.37
CA LYS A 199 -1.22 6.90 -13.94
C LYS A 199 -2.24 6.92 -12.82
N VAL A 200 -2.11 7.86 -11.89
CA VAL A 200 -3.06 7.97 -10.78
C VAL A 200 -4.43 8.36 -11.30
N ALA A 201 -4.49 9.29 -12.26
CA ALA A 201 -5.77 9.67 -12.84
C ALA A 201 -6.41 8.49 -13.58
N CYS A 202 -5.60 7.73 -14.32
CA CYS A 202 -6.12 6.55 -15.00
C CYS A 202 -6.68 5.55 -14.02
N TRP A 203 -5.99 5.33 -12.90
CA TRP A 203 -6.54 4.45 -11.86
C TRP A 203 -7.82 5.02 -11.28
N LEU A 204 -7.86 6.32 -11.03
CA LEU A 204 -9.05 6.94 -10.46
C LEU A 204 -10.25 6.76 -11.36
N LEU A 205 -10.04 6.80 -12.68
CA LEU A 205 -11.14 6.55 -13.60
C LEU A 205 -11.64 5.11 -13.50
N ASP A 206 -10.71 4.15 -13.57
CA ASP A 206 -11.05 2.73 -13.57
C ASP A 206 -10.16 2.01 -12.55
N PRO A 207 -10.55 2.02 -11.27
CA PRO A 207 -9.69 1.42 -10.24
C PRO A 207 -9.46 -0.07 -10.41
N ASP A 208 -10.44 -0.82 -10.91
CA ASP A 208 -10.32 -2.27 -11.06
C ASP A 208 -9.76 -2.67 -12.41
N SER A 209 -9.35 -1.72 -13.23
CA SER A 209 -8.69 -2.03 -14.50
C SER A 209 -7.25 -2.44 -14.26
N GLN A 210 -6.61 -2.94 -15.32
CA GLN A 210 -5.22 -3.36 -15.22
C GLN A 210 -4.29 -2.15 -15.06
N GLU A 211 -3.03 -2.44 -14.76
CA GLU A 211 -2.06 -1.38 -14.55
C GLU A 211 -1.90 -0.57 -15.82
N PRO A 212 -1.98 0.76 -15.76
CA PRO A 212 -1.97 1.58 -16.98
C PRO A 212 -0.54 1.75 -17.49
N THR A 213 -0.24 1.07 -18.59
CA THR A 213 1.03 1.31 -19.26
C THR A 213 0.96 2.64 -20.01
N LEU A 214 2.14 3.16 -20.36
CA LEU A 214 2.18 4.41 -21.11
C LEU A 214 1.45 4.27 -22.44
N HIS A 215 1.68 3.16 -23.14
CA HIS A 215 0.97 2.92 -24.39
C HIS A 215 -0.53 2.81 -24.16
N SER A 216 -0.94 2.23 -23.04
CA SER A 216 -2.37 2.10 -22.74
C SER A 216 -3.02 3.46 -22.59
N ILE A 217 -2.39 4.36 -21.83
CA ILE A 217 -2.94 5.71 -21.67
C ILE A 217 -2.95 6.44 -23.01
N VAL A 218 -1.88 6.31 -23.78
CA VAL A 218 -1.84 7.01 -25.07
C VAL A 218 -2.94 6.50 -26.00
N THR A 219 -3.18 5.18 -26.00
CA THR A 219 -4.23 4.62 -26.83
C THR A 219 -5.61 5.06 -26.36
N SER A 220 -5.84 5.06 -25.04
CA SER A 220 -7.19 5.25 -24.52
C SER A 220 -7.57 6.70 -24.30
N PHE A 221 -6.61 7.63 -24.31
CA PHE A 221 -6.94 9.01 -23.96
C PHE A 221 -6.40 10.01 -24.98
N LEU A 222 -5.33 9.64 -25.70
CA LEU A 222 -4.71 10.50 -26.69
C LEU A 222 -4.42 9.71 -27.96
N PRO A 223 -5.46 9.22 -28.65
CA PRO A 223 -5.20 8.37 -29.83
C PRO A 223 -4.44 9.07 -30.95
N HIS A 224 -4.71 10.36 -31.18
CA HIS A 224 -4.13 11.06 -32.31
C HIS A 224 -2.61 11.17 -32.20
N GLU A 225 -2.06 11.13 -30.99
CA GLU A 225 -0.63 11.22 -30.76
C GLU A 225 0.01 9.83 -30.75
N LEU A 226 -0.79 8.78 -30.93
CA LEU A 226 -0.27 7.40 -30.98
C LEU A 226 0.87 7.17 -31.96
N PRO A 227 0.83 7.65 -33.21
CA PRO A 227 1.93 7.31 -34.14
C PRO A 227 3.29 7.84 -33.72
N LEU A 228 3.34 8.81 -32.79
CA LEU A 228 4.62 9.25 -32.26
C LEU A 228 5.33 8.16 -31.47
N LEU A 229 4.60 7.11 -31.06
CA LEU A 229 5.18 5.96 -30.38
C LEU A 229 5.46 4.81 -31.33
N GLU A 230 5.71 5.11 -32.61
CA GLU A 230 5.98 4.08 -33.58
C GLU A 230 7.31 3.40 -33.30
N GLY A 231 7.30 2.06 -33.25
CA GLY A 231 8.50 1.31 -32.96
C GLY A 231 9.00 1.44 -31.54
N MET A 232 8.22 2.07 -30.65
CA MET A 232 8.63 2.27 -29.26
C MET A 232 7.96 1.20 -28.41
N GLU A 233 8.50 -0.02 -28.50
CA GLU A 233 7.98 -1.13 -27.72
C GLU A 233 8.42 -1.09 -26.27
N THR A 234 9.37 -0.21 -25.92
CA THR A 234 9.78 -0.09 -24.53
C THR A 234 8.68 0.47 -23.63
N SER A 235 7.70 1.17 -24.20
CA SER A 235 6.59 1.71 -23.44
C SER A 235 5.47 0.68 -23.26
N GLN A 236 5.84 -0.51 -22.79
CA GLN A 236 4.88 -1.58 -22.54
C GLN A 236 5.09 -2.30 -21.22
N GLY A 237 6.26 -2.20 -20.60
CA GLY A 237 6.54 -2.91 -19.37
C GLY A 237 6.24 -2.14 -18.11
N ILE A 238 5.09 -1.46 -18.07
CA ILE A 238 4.60 -0.68 -16.94
C ILE A 238 5.42 0.59 -16.73
N GLN A 239 6.73 0.43 -16.56
CA GLN A 239 7.61 1.57 -16.36
C GLN A 239 7.59 2.48 -17.58
N SER A 240 7.76 3.78 -17.34
CA SER A 240 7.77 4.74 -18.43
C SER A 240 8.95 4.50 -19.36
N LEU A 241 8.75 4.82 -20.64
CA LEU A 241 9.84 4.73 -21.59
C LEU A 241 10.97 5.68 -21.24
N GLY A 242 10.66 6.80 -20.58
CA GLY A 242 11.70 7.74 -20.19
C GLY A 242 12.68 7.15 -19.19
N LEU A 243 12.23 6.24 -18.34
CA LEU A 243 13.08 5.67 -17.30
C LEU A 243 13.82 4.42 -17.76
N ASN A 244 13.26 3.65 -18.68
CA ASN A 244 13.98 2.48 -19.17
C ASN A 244 15.00 2.89 -20.23
N ALA A 245 15.96 2.00 -20.49
CA ALA A 245 17.05 2.29 -21.41
C ALA A 245 17.10 1.33 -22.60
N GLY A 246 16.02 0.59 -22.86
CA GLY A 246 15.99 -0.35 -23.96
C GLY A 246 15.47 0.27 -25.25
N SER A 247 15.42 -0.57 -26.28
CA SER A 247 14.87 -0.21 -27.59
C SER A 247 15.59 0.98 -28.22
N GLU A 248 16.89 1.12 -27.92
CA GLU A 248 17.71 2.24 -28.39
C GLU A 248 17.00 3.53 -28.00
N HIS A 249 16.74 4.45 -28.93
CA HIS A 249 15.92 5.63 -28.67
C HIS A 249 16.50 6.46 -27.52
N SER A 250 17.66 7.07 -27.81
CA SER A 250 18.44 7.84 -26.84
C SER A 250 17.56 8.72 -25.96
N GLY A 251 17.98 8.90 -24.70
CA GLY A 251 17.09 9.45 -23.69
C GLY A 251 16.53 10.82 -24.03
N ARG A 252 17.23 11.59 -24.87
CA ARG A 252 16.70 12.87 -25.33
C ARG A 252 15.34 12.70 -25.97
N TYR A 253 15.29 11.95 -27.07
CA TYR A 253 14.05 11.76 -27.81
C TYR A 253 13.01 11.04 -26.96
N ARG A 254 13.43 10.03 -26.20
CA ARG A 254 12.49 9.28 -25.38
C ARG A 254 11.81 10.18 -24.36
N ALA A 255 12.59 10.91 -23.58
CA ALA A 255 12.01 11.79 -22.56
C ALA A 255 11.16 12.88 -23.20
N SER A 256 11.61 13.46 -24.31
CA SER A 256 10.85 14.53 -24.94
C SER A 256 9.50 14.03 -25.44
N VAL A 257 9.49 12.91 -26.17
CA VAL A 257 8.22 12.38 -26.65
C VAL A 257 7.35 11.93 -25.49
N GLU A 258 7.96 11.42 -24.41
CA GLU A 258 7.20 11.04 -23.23
C GLU A 258 6.50 12.24 -22.61
N SER A 259 7.19 13.37 -22.51
CA SER A 259 6.56 14.58 -21.99
C SER A 259 5.44 15.05 -22.90
N ILE A 260 5.67 15.01 -24.22
CA ILE A 260 4.63 15.41 -25.16
C ILE A 260 3.39 14.54 -24.97
N LEU A 261 3.59 13.23 -24.82
CA LEU A 261 2.47 12.33 -24.60
C LEU A 261 1.74 12.66 -23.30
N ILE A 262 2.50 12.76 -22.21
CA ILE A 262 1.86 12.81 -20.88
C ILE A 262 1.18 14.14 -20.64
N PHE A 263 1.70 15.25 -21.16
CA PHE A 263 1.02 16.53 -20.93
C PHE A 263 -0.37 16.52 -21.53
N ASN A 264 -0.48 16.13 -22.80
CA ASN A 264 -1.77 16.14 -23.46
C ASN A 264 -2.69 15.06 -22.91
N SER A 265 -2.15 13.88 -22.62
CA SER A 265 -2.98 12.84 -22.03
C SER A 265 -3.47 13.25 -20.64
N MET A 266 -2.68 14.03 -19.91
CA MET A 266 -3.08 14.48 -18.59
C MET A 266 -4.09 15.62 -18.68
N ASN A 267 -4.01 16.44 -19.72
CA ASN A 267 -5.09 17.40 -19.97
C ASN A 267 -6.40 16.68 -20.26
N GLN A 268 -6.34 15.64 -21.09
CA GLN A 268 -7.53 14.83 -21.34
C GLN A 268 -8.03 14.16 -20.06
N LEU A 269 -7.10 13.69 -19.23
CA LEU A 269 -7.47 13.09 -17.96
C LEU A 269 -8.13 14.09 -17.04
N ASN A 270 -7.62 15.33 -17.02
CA ASN A 270 -8.25 16.38 -16.23
C ASN A 270 -9.66 16.69 -16.72
N SER A 271 -9.85 16.74 -18.03
CA SER A 271 -11.20 16.97 -18.55
C SER A 271 -12.13 15.83 -18.17
N LEU A 272 -11.64 14.59 -18.23
CA LEU A 272 -12.46 13.45 -17.81
C LEU A 272 -12.75 13.49 -16.32
N LEU A 273 -11.77 13.88 -15.50
CA LEU A 273 -11.99 14.00 -14.07
C LEU A 273 -13.03 15.08 -13.76
N GLN A 274 -12.98 16.20 -14.48
CA GLN A 274 -14.01 17.22 -14.33
C GLN A 274 -15.37 16.66 -14.71
N LYS A 275 -15.43 15.87 -15.79
CA LYS A 275 -16.69 15.26 -16.20
C LYS A 275 -17.23 14.33 -15.13
N GLU A 276 -16.36 13.56 -14.49
CA GLU A 276 -16.76 12.61 -13.47
C GLU A 276 -16.77 13.18 -12.05
N ASN A 277 -16.43 14.46 -11.90
CA ASN A 277 -16.34 15.11 -10.59
C ASN A 277 -15.36 14.38 -9.67
N LEU A 278 -14.17 14.10 -10.22
CA LEU A 278 -13.14 13.35 -9.51
C LEU A 278 -11.85 14.15 -9.35
N GLN A 279 -11.82 15.41 -9.75
CA GLN A 279 -10.57 16.17 -9.68
C GLN A 279 -10.27 16.63 -8.26
N ASP A 280 -11.30 16.93 -7.47
CA ASP A 280 -11.09 17.38 -6.10
C ASP A 280 -10.43 16.27 -5.28
N VAL A 281 -10.93 15.05 -5.38
CA VAL A 281 -10.30 13.93 -4.69
C VAL A 281 -8.93 13.65 -5.29
N PHE A 282 -8.79 13.80 -6.61
CA PHE A 282 -7.51 13.51 -7.25
C PHE A 282 -6.40 14.43 -6.76
N ARG A 283 -6.70 15.72 -6.59
CA ARG A 283 -5.68 16.69 -6.25
C ARG A 283 -5.59 17.01 -4.76
N LYS A 284 -6.62 16.69 -3.98
CA LYS A 284 -6.64 17.05 -2.57
C LYS A 284 -6.20 15.92 -1.66
N VAL A 285 -6.54 14.67 -1.99
CA VAL A 285 -6.20 13.51 -1.17
C VAL A 285 -5.38 12.50 -1.95
N GLU A 286 -5.78 12.20 -3.19
CA GLU A 286 -5.15 11.11 -3.92
C GLU A 286 -3.70 11.40 -4.27
N MET A 287 -3.44 12.57 -4.85
CA MET A 287 -2.08 12.92 -5.25
C MET A 287 -1.22 13.31 -4.05
N PRO A 288 -1.74 14.04 -3.05
CA PRO A 288 -0.97 14.19 -1.82
C PRO A 288 -0.68 12.87 -1.13
N SER A 289 -1.60 11.90 -1.19
CA SER A 289 -1.29 10.58 -0.64
C SER A 289 -0.23 9.87 -1.47
N GLN A 290 -0.21 10.09 -2.79
CA GLN A 290 0.87 9.56 -3.61
C GLN A 290 2.21 10.18 -3.21
N TYR A 291 2.21 11.47 -2.90
CA TYR A 291 3.42 12.12 -2.41
C TYR A 291 3.85 11.53 -1.07
N CYS A 292 2.89 11.27 -0.18
CA CYS A 292 3.20 10.63 1.09
C CYS A 292 3.75 9.24 0.88
N LEU A 293 3.22 8.49 -0.09
CA LEU A 293 3.73 7.17 -0.39
C LEU A 293 5.12 7.23 -0.99
N ALA A 294 5.40 8.26 -1.78
CA ALA A 294 6.77 8.46 -2.26
C ALA A 294 7.72 8.69 -1.10
N LEU A 295 7.32 9.53 -0.15
CA LEU A 295 8.13 9.74 1.05
C LEU A 295 8.31 8.43 1.81
N LEU A 296 7.24 7.63 1.91
CA LEU A 296 7.32 6.32 2.53
C LEU A 296 8.36 5.45 1.85
N GLU A 297 8.36 5.44 0.52
CA GLU A 297 9.33 4.64 -0.22
C GLU A 297 10.75 5.14 0.00
N LEU A 298 10.93 6.45 0.17
CA LEU A 298 12.28 6.94 0.45
C LEU A 298 12.74 6.59 1.86
N ASN A 299 11.82 6.59 2.84
CA ASN A 299 12.19 6.15 4.18
C ASN A 299 12.35 4.63 4.24
N GLY A 300 11.28 3.90 3.92
CA GLY A 300 11.32 2.46 3.99
C GLY A 300 11.13 1.95 5.41
N ILE A 301 10.39 0.86 5.56
CA ILE A 301 10.21 0.25 6.87
C ILE A 301 11.55 -0.26 7.39
N GLY A 302 11.74 -0.20 8.69
CA GLY A 302 13.00 -0.61 9.29
C GLY A 302 13.18 -2.12 9.28
N PHE A 303 14.40 -2.54 9.58
CA PHE A 303 14.73 -3.95 9.68
C PHE A 303 15.94 -4.10 10.60
N SER A 304 16.00 -5.23 11.29
CA SER A 304 17.03 -5.48 12.29
C SER A 304 18.05 -6.54 11.89
N THR A 305 17.70 -7.43 10.96
CA THR A 305 18.55 -8.52 10.47
C THR A 305 18.79 -9.57 11.56
N ALA A 306 19.46 -9.19 12.65
CA ALA A 306 19.77 -10.15 13.70
C ALA A 306 18.50 -10.73 14.32
N GLU A 307 17.50 -9.87 14.56
CA GLU A 307 16.23 -10.37 15.10
C GLU A 307 15.56 -11.35 14.15
N CYS A 308 15.57 -11.04 12.86
CA CYS A 308 15.02 -11.97 11.87
C CYS A 308 15.82 -13.25 11.82
N GLU A 309 17.15 -13.17 11.98
CA GLU A 309 17.97 -14.38 12.02
C GLU A 309 17.62 -15.25 13.21
N SER A 310 17.45 -14.64 14.39
CA SER A 310 17.07 -15.42 15.56
C SER A 310 15.70 -16.06 15.39
N GLN A 311 14.74 -15.30 14.86
CA GLN A 311 13.41 -15.85 14.60
C GLN A 311 13.49 -17.01 13.61
N LYS A 312 14.29 -16.86 12.55
CA LYS A 312 14.43 -17.92 11.57
C LYS A 312 15.07 -19.16 12.18
N HIS A 313 16.09 -18.97 13.03
CA HIS A 313 16.73 -20.12 13.66
C HIS A 313 15.76 -20.87 14.56
N ILE A 314 14.99 -20.15 15.38
CA ILE A 314 14.02 -20.80 16.25
C ILE A 314 12.94 -21.50 15.42
N MET A 315 12.47 -20.84 14.37
CA MET A 315 11.43 -21.43 13.53
C MET A 315 11.92 -22.68 12.83
N GLN A 316 13.17 -22.67 12.35
CA GLN A 316 13.73 -23.85 11.70
C GLN A 316 13.95 -24.98 12.69
N ALA A 317 14.37 -24.66 13.92
CA ALA A 317 14.52 -25.68 14.94
C ALA A 317 13.17 -26.34 15.24
N LYS A 318 12.12 -25.52 15.38
CA LYS A 318 10.79 -26.09 15.62
C LYS A 318 10.29 -26.87 14.41
N LEU A 319 10.61 -26.42 13.21
CA LEU A 319 10.22 -27.16 12.01
C LEU A 319 10.89 -28.52 11.97
N ASP A 320 12.19 -28.58 12.31
CA ASP A 320 12.89 -29.86 12.35
C ASP A 320 12.32 -30.77 13.43
N ALA A 321 11.99 -30.20 14.59
CA ALA A 321 11.39 -31.00 15.66
C ALA A 321 10.04 -31.56 15.23
N ILE A 322 9.22 -30.73 14.57
CA ILE A 322 7.91 -31.19 14.11
C ILE A 322 8.07 -32.27 13.06
N GLU A 323 9.01 -32.10 12.13
CA GLU A 323 9.24 -33.09 11.09
C GLU A 323 9.69 -34.42 11.69
N THR A 324 10.63 -34.38 12.64
CA THR A 324 11.08 -35.61 13.27
C THR A 324 9.97 -36.28 14.06
N GLN A 325 9.15 -35.49 14.78
CA GLN A 325 8.03 -36.07 15.52
C GLN A 325 7.03 -36.73 14.59
N ALA A 326 6.71 -36.08 13.47
CA ALA A 326 5.77 -36.66 12.52
C ALA A 326 6.34 -37.91 11.86
N TYR A 327 7.64 -37.91 11.55
CA TYR A 327 8.25 -39.10 10.96
C TYR A 327 8.28 -40.25 11.95
N GLN A 328 8.48 -39.95 13.24
CA GLN A 328 8.41 -40.98 14.27
C GLN A 328 6.99 -41.52 14.39
N LEU A 329 5.99 -40.63 14.32
CA LEU A 329 4.61 -41.06 14.50
C LEU A 329 4.14 -41.92 13.33
N ALA A 330 4.37 -41.47 12.10
CA ALA A 330 3.87 -42.16 10.92
C ALA A 330 4.86 -43.18 10.36
N GLY A 331 6.08 -43.24 10.89
CA GLY A 331 7.04 -44.23 10.44
C GLY A 331 7.91 -43.81 9.29
N HIS A 332 7.31 -43.47 8.16
CA HIS A 332 8.05 -43.18 6.94
C HIS A 332 8.40 -41.69 6.89
N SER A 333 8.84 -41.23 5.72
CA SER A 333 9.34 -39.87 5.54
C SER A 333 8.49 -39.09 4.56
N PHE A 334 7.17 -39.15 4.73
CA PHE A 334 6.25 -38.43 3.87
C PHE A 334 6.56 -36.93 3.86
N SER A 335 6.49 -36.33 2.68
CA SER A 335 6.82 -34.92 2.52
C SER A 335 5.62 -34.05 2.85
N PHE A 336 5.83 -33.04 3.69
CA PHE A 336 4.75 -32.12 4.05
C PHE A 336 4.31 -31.28 2.87
N THR A 337 5.26 -30.87 2.02
CA THR A 337 4.93 -30.00 0.90
C THR A 337 4.00 -30.65 -0.11
N SER A 338 3.95 -31.97 -0.14
CA SER A 338 3.09 -32.69 -1.08
C SER A 338 1.73 -32.91 -0.45
N SER A 339 0.69 -32.32 -1.06
CA SER A 339 -0.66 -32.51 -0.55
C SER A 339 -1.09 -33.97 -0.69
N ASP A 340 -0.72 -34.62 -1.79
CA ASP A 340 -1.08 -36.02 -1.99
C ASP A 340 -0.49 -36.91 -0.92
N ASP A 341 0.78 -36.68 -0.55
CA ASP A 341 1.42 -37.48 0.48
C ASP A 341 0.72 -37.28 1.83
N ILE A 342 0.37 -36.04 2.15
CA ILE A 342 -0.32 -35.77 3.42
C ILE A 342 -1.67 -36.47 3.45
N ALA A 343 -2.42 -36.37 2.35
CA ALA A 343 -3.73 -37.01 2.28
C ALA A 343 -3.60 -38.52 2.39
N GLU A 344 -2.60 -39.10 1.74
CA GLU A 344 -2.40 -40.55 1.82
C GLU A 344 -2.06 -40.97 3.24
N VAL A 345 -1.16 -40.23 3.91
CA VAL A 345 -0.77 -40.63 5.25
C VAL A 345 -1.86 -40.33 6.28
N LEU A 346 -2.81 -39.47 5.95
CA LEU A 346 -3.87 -39.14 6.90
C LEU A 346 -5.11 -40.00 6.72
N PHE A 347 -5.71 -39.96 5.53
CA PHE A 347 -7.08 -40.48 5.35
C PHE A 347 -7.11 -41.96 4.96
N LEU A 348 -6.35 -42.34 3.94
CA LEU A 348 -6.42 -43.70 3.42
C LEU A 348 -5.42 -44.64 4.06
N GLU A 349 -4.66 -44.20 5.06
CA GLU A 349 -3.70 -45.08 5.70
C GLU A 349 -3.83 -45.13 7.21
N LEU A 350 -4.17 -44.01 7.86
CA LEU A 350 -4.19 -43.92 9.31
C LEU A 350 -5.56 -43.41 9.78
N LYS A 351 -6.62 -44.03 9.25
CA LYS A 351 -8.00 -43.71 9.61
C LYS A 351 -8.24 -42.24 9.32
N LEU A 352 -8.52 -41.39 10.32
CA LEU A 352 -8.73 -39.96 10.13
C LEU A 352 -9.80 -39.71 9.07
N PRO A 353 -11.07 -39.91 9.38
CA PRO A 353 -12.13 -39.81 8.36
C PRO A 353 -12.11 -38.46 7.68
N PRO A 354 -12.36 -38.42 6.37
CA PRO A 354 -12.17 -37.18 5.60
C PRO A 354 -13.26 -36.15 5.87
N ASN A 355 -13.19 -35.03 5.15
CA ASN A 355 -14.13 -33.93 5.31
C ASN A 355 -15.42 -34.24 4.56
N ARG A 356 -16.29 -33.24 4.43
CA ARG A 356 -17.56 -33.41 3.72
C ARG A 356 -17.33 -33.50 2.22
N GLY A 383 -3.55 -37.69 -6.78
CA GLY A 383 -4.76 -38.08 -6.09
C GLY A 383 -5.75 -36.95 -5.91
N ARG A 384 -5.54 -36.15 -4.86
CA ARG A 384 -6.36 -34.98 -4.54
C ARG A 384 -7.83 -35.34 -4.31
N GLN A 385 -8.11 -36.58 -3.89
CA GLN A 385 -9.48 -36.98 -3.62
C GLN A 385 -10.05 -36.23 -2.41
N PHE A 386 -9.24 -36.04 -1.37
CA PHE A 386 -9.66 -35.35 -0.16
C PHE A 386 -8.90 -34.04 -0.02
N SER A 387 -9.64 -32.98 0.31
CA SER A 387 -9.04 -31.66 0.49
C SER A 387 -8.12 -31.66 1.72
N THR A 388 -7.05 -30.88 1.63
CA THR A 388 -6.05 -30.80 2.68
C THR A 388 -5.70 -29.34 2.99
N SER A 389 -6.71 -28.50 3.14
CA SER A 389 -6.49 -27.11 3.48
C SER A 389 -6.22 -26.98 4.99
N LYS A 390 -5.96 -25.75 5.42
CA LYS A 390 -5.75 -25.49 6.84
C LYS A 390 -7.02 -25.78 7.64
N ASP A 391 -8.18 -25.47 7.07
CA ASP A 391 -9.44 -25.70 7.77
C ASP A 391 -9.69 -27.19 8.02
N VAL A 392 -9.28 -28.04 7.07
CA VAL A 392 -9.49 -29.48 7.23
C VAL A 392 -8.72 -29.99 8.43
N LEU A 393 -7.43 -29.67 8.52
CA LEU A 393 -6.64 -30.12 9.66
C LEU A 393 -7.07 -29.44 10.95
N ASN A 394 -7.56 -28.21 10.86
CA ASN A 394 -8.09 -27.54 12.06
C ASN A 394 -9.30 -28.27 12.59
N LYS A 395 -10.20 -28.72 11.70
CA LYS A 395 -11.32 -29.53 12.13
C LYS A 395 -10.87 -30.87 12.69
N LEU A 396 -9.88 -31.50 12.05
CA LEU A 396 -9.34 -32.76 12.54
C LEU A 396 -8.28 -32.52 13.61
N LYS A 397 -8.64 -31.77 14.66
CA LYS A 397 -7.74 -31.50 15.77
C LYS A 397 -8.10 -32.26 17.04
N ALA A 398 -9.37 -32.63 17.22
CA ALA A 398 -9.76 -33.42 18.38
C ALA A 398 -9.22 -34.84 18.32
N LEU A 399 -8.83 -35.30 17.13
CA LEU A 399 -8.26 -36.64 16.96
C LEU A 399 -6.77 -36.59 17.29
N HIS A 400 -6.04 -37.65 16.94
CA HIS A 400 -4.63 -37.72 17.26
C HIS A 400 -3.88 -36.58 16.57
N PRO A 401 -2.84 -36.04 17.20
CA PRO A 401 -2.37 -34.68 16.89
C PRO A 401 -1.50 -34.53 15.67
N LEU A 402 -1.44 -35.51 14.76
CA LEU A 402 -0.67 -35.32 13.53
C LEU A 402 -1.16 -34.15 12.69
N PRO A 403 -2.47 -33.95 12.48
CA PRO A 403 -2.89 -32.73 11.76
C PRO A 403 -2.44 -31.44 12.42
N GLY A 404 -2.40 -31.39 13.75
CA GLY A 404 -1.87 -30.21 14.42
C GLY A 404 -0.39 -30.01 14.12
N LEU A 405 0.37 -31.11 14.10
CA LEU A 405 1.78 -31.03 13.73
C LEU A 405 1.95 -30.51 12.31
N ILE A 406 1.09 -30.98 11.39
CA ILE A 406 1.18 -30.54 10.00
C ILE A 406 0.80 -29.06 9.89
N LEU A 407 -0.19 -28.62 10.67
CA LEU A 407 -0.56 -27.21 10.66
C LEU A 407 0.57 -26.33 11.17
N GLU A 408 1.22 -26.75 12.26
CA GLU A 408 2.37 -25.99 12.76
C GLU A 408 3.50 -25.97 11.74
N TRP A 409 3.77 -27.11 11.10
CA TRP A 409 4.78 -27.17 10.06
C TRP A 409 4.47 -26.21 8.93
N ARG A 410 3.21 -26.22 8.47
CA ARG A 410 2.81 -25.36 7.36
C ARG A 410 2.92 -23.89 7.73
N ARG A 411 2.48 -23.52 8.93
CA ARG A 411 2.58 -22.13 9.35
C ARG A 411 4.03 -21.67 9.43
N ILE A 412 4.89 -22.50 10.03
CA ILE A 412 6.29 -22.13 10.16
C ILE A 412 6.96 -22.03 8.79
N THR A 413 6.66 -22.98 7.90
CA THR A 413 7.22 -22.93 6.55
C THR A 413 6.76 -21.68 5.81
N ASN A 414 5.46 -21.38 5.88
CA ASN A 414 4.95 -20.17 5.24
C ASN A 414 5.63 -18.93 5.79
N ALA A 415 5.86 -18.90 7.09
CA ALA A 415 6.57 -17.77 7.68
C ALA A 415 8.03 -17.73 7.29
N ILE A 416 8.63 -18.87 6.94
CA ILE A 416 10.08 -18.95 6.76
C ILE A 416 10.50 -18.77 5.31
N THR A 417 9.65 -19.15 4.35
CA THR A 417 10.02 -18.98 2.95
C THR A 417 9.24 -17.88 2.24
N LYS A 418 8.04 -17.55 2.71
CA LYS A 418 7.25 -16.49 2.10
C LYS A 418 7.41 -15.15 2.80
N VAL A 419 7.91 -15.12 4.04
CA VAL A 419 7.98 -13.88 4.77
C VAL A 419 9.40 -13.63 5.27
N VAL A 420 10.17 -14.69 5.50
CA VAL A 420 11.53 -14.51 6.01
C VAL A 420 12.54 -14.39 4.88
N PHE A 421 12.52 -15.31 3.93
CA PHE A 421 13.43 -15.22 2.79
C PHE A 421 13.21 -13.97 1.94
N PRO A 422 11.98 -13.58 1.59
CA PRO A 422 11.82 -12.33 0.83
C PRO A 422 12.36 -11.10 1.55
N LEU A 423 12.19 -11.02 2.88
CA LEU A 423 12.72 -9.87 3.61
C LEU A 423 14.25 -9.88 3.62
N GLN A 424 14.86 -11.04 3.85
CA GLN A 424 16.31 -11.14 3.84
C GLN A 424 16.90 -10.91 2.45
N ARG A 425 16.12 -11.16 1.40
CA ARG A 425 16.61 -10.96 0.04
C ARG A 425 16.53 -9.50 -0.38
N GLU A 426 15.33 -8.92 -0.33
CA GLU A 426 15.12 -7.54 -0.74
C GLU A 426 15.27 -6.60 0.46
N LYS A 427 16.46 -6.64 1.06
CA LYS A 427 16.82 -5.82 2.20
C LYS A 427 17.99 -4.94 1.83
N CYS A 428 17.84 -3.63 2.01
CA CYS A 428 18.86 -2.67 1.62
C CYS A 428 19.64 -2.20 2.85
N LEU A 429 20.51 -1.22 2.65
CA LEU A 429 21.30 -0.64 3.73
C LEU A 429 21.30 0.87 3.57
N ASN A 430 21.15 1.58 4.68
CA ASN A 430 21.18 3.04 4.69
C ASN A 430 22.39 3.52 5.47
N PRO A 431 23.50 3.87 4.81
CA PRO A 431 24.69 4.29 5.56
C PRO A 431 24.46 5.50 6.44
N PHE A 432 23.59 6.43 6.02
CA PHE A 432 23.35 7.63 6.82
C PHE A 432 22.71 7.28 8.16
N LEU A 433 21.75 6.37 8.16
CA LEU A 433 21.09 5.97 9.40
C LEU A 433 21.90 4.94 10.18
N GLY A 434 22.88 4.31 9.54
CA GLY A 434 23.68 3.29 10.21
C GLY A 434 22.97 1.98 10.46
N MET A 435 21.83 1.76 9.83
CA MET A 435 21.05 0.55 10.05
C MET A 435 20.56 0.02 8.71
N GLU A 436 20.17 -1.26 8.71
CA GLU A 436 19.80 -1.96 7.48
C GLU A 436 18.29 -1.85 7.30
N ARG A 437 17.87 -0.87 6.51
CA ARG A 437 16.46 -0.68 6.21
C ARG A 437 15.99 -1.65 5.13
N ILE A 438 14.70 -1.58 4.82
CA ILE A 438 14.13 -2.31 3.69
C ILE A 438 13.06 -1.42 3.06
N TYR A 439 13.18 -1.17 1.76
CA TYR A 439 12.30 -0.24 1.08
C TYR A 439 11.31 -1.02 0.23
N PRO A 440 10.03 -1.10 0.61
CA PRO A 440 9.04 -1.73 -0.26
C PRO A 440 8.64 -0.80 -1.39
N VAL A 441 7.99 -1.39 -2.39
CA VAL A 441 7.50 -0.64 -3.54
C VAL A 441 5.98 -0.49 -3.35
N SER A 442 5.53 0.73 -3.15
CA SER A 442 4.11 0.96 -2.92
C SER A 442 3.32 0.76 -4.21
N GLN A 443 2.04 0.45 -4.05
CA GLN A 443 1.14 0.29 -5.18
C GLN A 443 -0.24 0.75 -4.74
N SER A 444 -0.78 1.75 -5.43
CA SER A 444 -2.10 2.28 -5.14
C SER A 444 -3.13 1.88 -6.19
N HIS A 445 -2.79 0.95 -7.08
CA HIS A 445 -3.71 0.51 -8.12
C HIS A 445 -4.62 -0.63 -7.65
N THR A 446 -4.86 -0.73 -6.35
CA THR A 446 -5.74 -1.75 -5.83
C THR A 446 -7.18 -1.47 -6.21
N ALA A 447 -8.03 -2.49 -6.10
CA ALA A 447 -9.41 -2.36 -6.53
C ALA A 447 -10.20 -1.43 -5.62
N THR A 448 -10.27 -1.76 -4.32
CA THR A 448 -11.05 -0.95 -3.40
C THR A 448 -10.47 0.45 -3.27
N GLY A 449 -9.15 0.56 -3.16
CA GLY A 449 -8.52 1.86 -3.00
C GLY A 449 -7.42 1.85 -1.96
N ARG A 450 -7.10 0.67 -1.43
CA ARG A 450 -6.04 0.56 -0.43
C ARG A 450 -4.68 0.77 -1.07
N ILE A 451 -3.65 0.62 -0.26
CA ILE A 451 -2.26 0.71 -0.69
C ILE A 451 -1.58 -0.59 -0.29
N THR A 452 -0.96 -1.27 -1.25
CA THR A 452 -0.29 -2.54 -1.00
C THR A 452 1.15 -2.45 -1.44
N PHE A 453 2.04 -3.05 -0.66
CA PHE A 453 3.47 -2.95 -0.88
C PHE A 453 4.00 -4.27 -1.43
N THR A 454 4.74 -4.19 -2.52
CA THR A 454 5.32 -5.35 -3.18
C THR A 454 6.84 -5.24 -3.17
N GLU A 455 7.49 -6.37 -3.41
CA GLU A 455 8.94 -6.51 -3.49
C GLU A 455 9.64 -5.94 -2.25
N PRO A 456 9.44 -6.52 -1.06
CA PRO A 456 8.51 -7.59 -0.70
C PRO A 456 7.23 -7.02 -0.11
N ASN A 457 6.38 -7.85 0.49
CA ASN A 457 5.14 -7.39 1.11
C ASN A 457 5.35 -7.28 2.62
N ILE A 458 5.46 -6.05 3.12
CA ILE A 458 5.63 -5.84 4.55
C ILE A 458 4.31 -5.93 5.30
N GLN A 459 3.18 -5.80 4.60
CA GLN A 459 1.89 -5.87 5.26
C GLN A 459 1.53 -7.29 5.65
N ASN A 460 1.82 -8.25 4.78
CA ASN A 460 1.52 -9.66 5.06
C ASN A 460 2.63 -10.32 5.87
N VAL A 461 3.00 -9.68 6.98
CA VAL A 461 3.94 -10.25 7.93
C VAL A 461 3.13 -10.82 9.10
N PRO A 462 3.12 -12.13 9.30
CA PRO A 462 2.27 -12.70 10.35
C PRO A 462 2.61 -12.14 11.72
N ARG A 463 1.57 -11.94 12.53
CA ARG A 463 1.73 -11.37 13.86
C ARG A 463 2.36 -12.38 14.79
N ASP A 464 2.46 -12.01 16.06
CA ASP A 464 3.03 -12.90 17.06
C ASP A 464 2.16 -14.15 17.21
N PHE A 465 2.79 -15.31 17.13
CA PHE A 465 2.11 -16.58 17.33
C PHE A 465 2.96 -17.48 18.22
N GLU A 466 2.32 -18.11 19.19
CA GLU A 466 3.04 -18.97 20.13
C GLU A 466 3.44 -20.28 19.47
N ILE A 467 4.55 -20.83 19.93
CA ILE A 467 5.06 -22.10 19.43
C ILE A 467 5.32 -23.02 20.62
N LYS A 468 5.15 -24.32 20.39
CA LYS A 468 5.30 -25.32 21.45
C LYS A 468 6.67 -25.96 21.32
N MET A 469 7.69 -25.26 21.83
CA MET A 469 9.05 -25.75 21.76
C MET A 469 9.43 -26.29 23.13
N PRO A 470 9.52 -27.61 23.31
CA PRO A 470 9.76 -28.16 24.65
C PRO A 470 11.13 -27.80 25.19
N THR A 471 11.20 -27.67 26.50
CA THR A 471 12.46 -27.34 27.18
C THR A 471 12.52 -27.96 28.57
N MET A 517 6.14 -20.75 28.70
CA MET A 517 6.73 -21.87 27.98
C MET A 517 6.79 -21.66 26.46
N PRO A 518 5.71 -21.16 25.83
CA PRO A 518 5.79 -20.85 24.40
C PRO A 518 6.82 -19.75 24.12
N PHE A 519 7.49 -19.87 22.98
CA PHE A 519 8.51 -18.90 22.59
C PHE A 519 7.93 -17.64 21.98
N SER A 520 6.66 -17.65 21.59
CA SER A 520 5.97 -16.49 21.01
C SER A 520 6.81 -15.85 19.91
N ILE A 521 7.00 -16.62 18.85
CA ILE A 521 7.82 -16.21 17.71
C ILE A 521 7.25 -14.93 17.11
N SER A 522 8.00 -13.85 17.22
CA SER A 522 7.56 -12.52 16.79
C SER A 522 8.60 -11.99 15.80
N MET A 523 8.31 -12.11 14.51
CA MET A 523 9.20 -11.55 13.50
C MET A 523 8.85 -10.12 13.12
N ARG A 524 7.69 -9.62 13.54
CA ARG A 524 7.46 -8.18 13.50
C ARG A 524 8.40 -7.45 14.44
N HIS A 525 8.99 -8.16 15.41
CA HIS A 525 10.08 -7.62 16.20
C HIS A 525 11.24 -7.19 15.31
N ALA A 526 11.38 -7.80 14.14
CA ALA A 526 12.50 -7.49 13.25
C ALA A 526 12.39 -6.11 12.61
N PHE A 527 11.25 -5.45 12.71
CA PHE A 527 11.06 -4.15 12.06
C PHE A 527 11.34 -3.02 13.05
N VAL A 528 12.60 -2.97 13.47
CA VAL A 528 13.07 -1.96 14.43
C VAL A 528 13.22 -0.63 13.70
N PRO A 529 12.95 0.50 14.35
CA PRO A 529 13.22 1.80 13.74
C PRO A 529 14.69 2.17 13.88
N PHE A 530 15.01 3.38 13.46
CA PHE A 530 16.39 3.85 13.55
C PHE A 530 16.76 4.07 15.02
N PRO A 531 18.05 3.95 15.34
CA PRO A 531 18.46 4.18 16.73
C PRO A 531 18.08 5.57 17.20
N GLY A 532 17.58 5.65 18.43
CA GLY A 532 17.03 6.89 18.94
C GLY A 532 15.61 7.18 18.51
N GLY A 533 14.97 6.28 17.77
CA GLY A 533 13.60 6.44 17.35
C GLY A 533 12.70 5.37 17.94
N SER A 534 11.44 5.42 17.51
CA SER A 534 10.45 4.48 18.02
C SER A 534 9.27 4.42 17.05
N ILE A 535 8.77 3.21 16.82
CA ILE A 535 7.56 3.04 16.02
C ILE A 535 6.37 3.64 16.76
N LEU A 536 5.55 4.40 16.04
CA LEU A 536 4.45 5.17 16.61
C LEU A 536 3.17 4.78 15.87
N ALA A 537 2.91 3.47 15.82
CA ALA A 537 1.81 2.97 15.02
C ALA A 537 0.49 3.56 15.49
N ALA A 538 -0.44 3.77 14.57
CA ALA A 538 -1.72 4.40 14.90
C ALA A 538 -2.83 3.61 14.20
N ASP A 539 -3.36 2.61 14.90
CA ASP A 539 -4.39 1.74 14.36
C ASP A 539 -5.75 2.28 14.74
N TYR A 540 -6.61 2.46 13.75
CA TYR A 540 -7.98 2.87 14.02
C TYR A 540 -8.69 1.80 14.83
N SER A 541 -9.44 2.23 15.84
CA SER A 541 -10.44 1.36 16.44
C SER A 541 -11.39 0.98 15.31
N GLN A 542 -12.12 -0.14 15.45
CA GLN A 542 -12.59 -0.90 14.29
C GLN A 542 -13.15 0.02 13.22
N LEU A 543 -12.44 0.11 12.09
CA LEU A 543 -12.62 1.24 11.19
C LEU A 543 -13.79 1.02 10.25
N GLU A 544 -13.87 -0.16 9.64
CA GLU A 544 -15.01 -0.46 8.79
C GLU A 544 -16.31 -0.43 9.58
N LEU A 545 -16.24 -0.74 10.88
CA LEU A 545 -17.43 -0.63 11.72
C LEU A 545 -17.87 0.81 11.90
N ARG A 546 -16.94 1.72 12.17
CA ARG A 546 -17.30 3.13 12.32
C ARG A 546 -17.82 3.69 11.00
N ILE A 547 -17.19 3.34 9.89
CA ILE A 547 -17.63 3.84 8.59
C ILE A 547 -19.00 3.24 8.24
N LEU A 548 -19.24 1.99 8.62
CA LEU A 548 -20.55 1.40 8.44
C LEU A 548 -21.60 2.18 9.22
N ALA A 549 -21.36 2.40 10.51
CA ALA A 549 -22.29 3.15 11.33
C ALA A 549 -22.50 4.56 10.80
N HIS A 550 -21.48 5.12 10.16
CA HIS A 550 -21.65 6.41 9.48
C HIS A 550 -22.66 6.28 8.33
N LEU A 551 -22.37 5.41 7.37
CA LEU A 551 -23.29 5.23 6.25
C LEU A 551 -24.27 4.07 6.48
N SER A 552 -24.92 4.04 7.65
CA SER A 552 -26.10 3.20 7.82
C SER A 552 -27.23 3.88 8.57
N HIS A 553 -26.95 4.92 9.36
CA HIS A 553 -27.90 5.50 10.29
C HIS A 553 -28.39 4.46 11.30
N ASP A 554 -27.52 3.50 11.63
CA ASP A 554 -27.79 2.53 12.68
C ASP A 554 -27.70 3.15 14.05
N ARG A 555 -28.83 3.57 14.61
CA ARG A 555 -28.82 4.21 15.92
C ARG A 555 -28.14 3.33 16.96
N ARG A 556 -28.41 2.02 16.91
CA ARG A 556 -27.78 1.10 17.84
C ARG A 556 -26.26 1.07 17.66
N LEU A 557 -25.80 0.97 16.40
CA LEU A 557 -24.36 0.88 16.16
C LEU A 557 -23.66 2.19 16.50
N ILE A 558 -24.28 3.33 16.16
CA ILE A 558 -23.69 4.62 16.51
C ILE A 558 -23.61 4.77 18.02
N GLN A 559 -24.67 4.37 18.73
CA GLN A 559 -24.67 4.46 20.19
C GLN A 559 -23.59 3.57 20.79
N VAL A 560 -23.42 2.36 20.25
CA VAL A 560 -22.43 1.44 20.79
C VAL A 560 -21.01 1.94 20.51
N LEU A 561 -20.78 2.47 19.31
CA LEU A 561 -19.43 2.88 18.93
C LEU A 561 -19.02 4.20 19.58
N ASN A 562 -19.97 5.12 19.75
CA ASN A 562 -19.63 6.41 20.34
C ASN A 562 -19.19 6.26 21.79
N THR A 563 -19.95 5.49 22.57
CA THR A 563 -19.58 5.16 23.95
C THR A 563 -18.91 3.79 23.90
N GLY A 564 -17.58 3.78 23.90
CA GLY A 564 -16.78 2.60 23.60
C GLY A 564 -17.24 1.31 24.25
N ALA A 565 -17.70 0.37 23.44
CA ALA A 565 -18.18 -0.92 23.93
C ALA A 565 -17.49 -2.09 23.26
N ASP A 566 -16.69 -1.85 22.21
CA ASP A 566 -15.89 -2.89 21.55
C ASP A 566 -16.79 -4.02 21.04
N VAL A 567 -17.56 -3.69 20.00
CA VAL A 567 -18.52 -4.59 19.37
C VAL A 567 -17.97 -6.00 19.17
N PHE A 568 -16.69 -6.11 18.81
CA PHE A 568 -16.10 -7.43 18.61
C PHE A 568 -16.00 -8.21 19.92
N ARG A 569 -15.57 -7.54 20.99
CA ARG A 569 -15.54 -8.19 22.31
C ARG A 569 -16.93 -8.58 22.76
N SER A 570 -17.93 -7.73 22.49
CA SER A 570 -19.31 -8.07 22.81
C SER A 570 -19.78 -9.29 22.04
N ILE A 571 -19.42 -9.38 20.76
CA ILE A 571 -19.78 -10.54 19.95
C ILE A 571 -19.14 -11.80 20.50
N ALA A 572 -17.85 -11.71 20.87
CA ALA A 572 -17.17 -12.87 21.44
C ALA A 572 -17.82 -13.30 22.74
N ALA A 573 -18.16 -12.34 23.60
CA ALA A 573 -18.81 -12.66 24.86
C ALA A 573 -20.16 -13.31 24.65
N GLU A 574 -20.95 -12.79 23.70
CA GLU A 574 -22.26 -13.37 23.43
C GLU A 574 -22.15 -14.78 22.85
N TRP A 575 -21.18 -15.00 21.97
CA TRP A 575 -21.04 -16.30 21.32
C TRP A 575 -20.50 -17.34 22.29
N LYS A 576 -19.48 -17.00 23.06
CA LYS A 576 -18.84 -17.95 23.96
C LYS A 576 -19.43 -17.93 25.37
N MET A 577 -20.49 -17.16 25.59
CA MET A 577 -21.21 -17.05 26.86
C MET A 577 -20.33 -16.59 28.02
N ILE A 578 -19.11 -16.13 27.74
CA ILE A 578 -18.22 -15.66 28.78
C ILE A 578 -18.43 -14.16 28.98
N GLU A 579 -17.90 -13.64 30.08
CA GLU A 579 -17.97 -12.21 30.33
C GLU A 579 -17.13 -11.44 29.31
N PRO A 580 -17.57 -10.25 28.92
CA PRO A 580 -16.83 -9.49 27.90
C PRO A 580 -15.43 -9.09 28.33
N GLU A 581 -15.12 -9.10 29.62
CA GLU A 581 -13.81 -8.71 30.11
C GLU A 581 -12.84 -9.88 30.20
N SER A 582 -13.24 -11.07 29.78
CA SER A 582 -12.43 -12.28 29.91
C SER A 582 -12.36 -13.02 28.58
N VAL A 583 -12.09 -12.29 27.50
CA VAL A 583 -12.00 -12.84 26.16
C VAL A 583 -10.57 -12.66 25.65
N GLY A 584 -9.99 -13.74 25.14
CA GLY A 584 -8.62 -13.70 24.67
C GLY A 584 -8.47 -12.96 23.36
N ASP A 585 -7.21 -12.75 22.97
CA ASP A 585 -6.91 -12.03 21.74
C ASP A 585 -7.36 -12.83 20.51
N ASP A 586 -7.07 -14.13 20.48
CA ASP A 586 -7.46 -14.94 19.34
C ASP A 586 -8.97 -15.08 19.24
N LEU A 587 -9.66 -15.17 20.39
CA LEU A 587 -11.12 -15.16 20.37
C LEU A 587 -11.65 -13.83 19.86
N ARG A 588 -11.00 -12.73 20.23
CA ARG A 588 -11.39 -11.42 19.73
C ARG A 588 -11.23 -11.33 18.22
N GLN A 589 -10.11 -11.85 17.70
CA GLN A 589 -9.89 -11.84 16.26
C GLN A 589 -10.91 -12.70 15.54
N GLN A 590 -11.23 -13.87 16.11
CA GLN A 590 -12.25 -14.72 15.50
C GLN A 590 -13.60 -14.03 15.48
N ALA A 591 -13.95 -13.33 16.58
CA ALA A 591 -15.20 -12.59 16.62
C ALA A 591 -15.21 -11.47 15.60
N LYS A 592 -14.09 -10.77 15.44
CA LYS A 592 -14.00 -9.71 14.45
C LYS A 592 -14.17 -10.25 13.04
N GLN A 593 -13.58 -11.37 12.69
CA GLN A 593 -13.70 -11.97 11.36
C GLN A 593 -15.07 -12.57 11.17
N ILE A 594 -15.75 -12.97 12.23
CA ILE A 594 -17.14 -13.41 12.11
C ILE A 594 -18.04 -12.20 11.83
N CYS A 595 -17.83 -11.11 12.57
CA CYS A 595 -18.65 -9.91 12.39
C CYS A 595 -18.47 -9.34 10.99
N TYR A 596 -17.22 -9.25 10.52
CA TYR A 596 -16.98 -8.71 9.19
C TYR A 596 -17.56 -9.62 8.12
N GLY A 597 -17.50 -10.94 8.34
CA GLY A 597 -18.14 -11.85 7.40
C GLY A 597 -19.63 -11.64 7.32
N ILE A 598 -20.30 -11.53 8.47
CA ILE A 598 -21.74 -11.27 8.46
C ILE A 598 -22.04 -9.94 7.79
N ILE A 599 -21.18 -8.94 8.00
CA ILE A 599 -21.34 -7.66 7.33
C ILE A 599 -21.27 -7.84 5.82
N TYR A 600 -20.31 -8.61 5.33
CA TYR A 600 -20.05 -8.77 3.90
C TYR A 600 -20.68 -10.03 3.34
N GLY A 601 -21.87 -10.38 3.80
CA GLY A 601 -22.64 -11.46 3.20
C GLY A 601 -22.07 -12.85 3.32
N MET A 602 -21.58 -13.22 4.50
CA MET A 602 -21.14 -14.58 4.74
C MET A 602 -22.32 -15.53 4.68
N GLY A 603 -22.12 -16.67 4.02
CA GLY A 603 -23.15 -17.68 3.99
C GLY A 603 -23.29 -18.38 5.33
N ALA A 604 -24.43 -19.06 5.50
CA ALA A 604 -24.65 -19.81 6.72
C ALA A 604 -23.67 -20.97 6.84
N LYS A 605 -23.36 -21.62 5.73
CA LYS A 605 -22.46 -22.78 5.77
C LYS A 605 -21.06 -22.38 6.24
N SER A 606 -20.50 -21.33 5.65
CA SER A 606 -19.17 -20.89 6.06
C SER A 606 -19.17 -20.31 7.46
N LEU A 607 -20.25 -19.62 7.83
CA LEU A 607 -20.35 -19.09 9.19
C LEU A 607 -20.33 -20.22 10.21
N GLY A 608 -21.11 -21.27 9.97
CA GLY A 608 -21.10 -22.42 10.86
C GLY A 608 -19.78 -23.16 10.85
N GLU A 609 -19.12 -23.23 9.69
CA GLU A 609 -17.83 -23.90 9.61
C GLU A 609 -16.78 -23.16 10.43
N GLN A 610 -16.77 -21.83 10.36
CA GLN A 610 -15.79 -21.07 11.12
C GLN A 610 -16.14 -21.02 12.61
N MET A 611 -17.41 -20.88 12.94
CA MET A 611 -17.84 -20.76 14.33
C MET A 611 -18.00 -22.10 15.03
N GLY A 612 -17.86 -23.21 14.31
CA GLY A 612 -17.99 -24.51 14.94
C GLY A 612 -19.40 -24.91 15.29
N ILE A 613 -20.40 -24.30 14.66
CA ILE A 613 -21.79 -24.62 14.95
C ILE A 613 -22.48 -25.15 13.70
N LYS A 614 -23.75 -25.54 13.84
CA LYS A 614 -24.50 -26.13 12.76
C LYS A 614 -24.92 -25.07 11.75
N GLU A 615 -25.42 -25.53 10.60
CA GLU A 615 -25.91 -24.63 9.57
C GLU A 615 -27.13 -23.84 10.05
N ASN A 616 -28.07 -24.52 10.72
CA ASN A 616 -29.27 -23.83 11.21
C ASN A 616 -28.91 -22.80 12.27
N ASP A 617 -27.99 -23.16 13.18
CA ASP A 617 -27.57 -22.22 14.22
C ASP A 617 -26.85 -21.02 13.60
N ALA A 618 -26.03 -21.27 12.58
CA ALA A 618 -25.33 -20.17 11.91
C ALA A 618 -26.32 -19.24 11.21
N ALA A 619 -27.34 -19.81 10.55
CA ALA A 619 -28.36 -18.97 9.92
C ALA A 619 -29.12 -18.16 10.97
N CYS A 620 -29.46 -18.79 12.09
CA CYS A 620 -30.14 -18.06 13.16
C CYS A 620 -29.27 -16.93 13.68
N TYR A 621 -27.96 -17.16 13.80
CA TYR A 621 -27.05 -16.10 14.20
C TYR A 621 -27.00 -15.00 13.15
N ILE A 622 -27.08 -15.35 11.87
CA ILE A 622 -27.10 -14.36 10.80
C ILE A 622 -28.31 -13.44 10.96
N ASP A 623 -29.50 -14.03 11.16
CA ASP A 623 -30.69 -13.20 11.34
C ASP A 623 -30.63 -12.41 12.63
N SER A 624 -30.03 -12.98 13.69
CA SER A 624 -29.90 -12.24 14.94
C SER A 624 -29.01 -11.02 14.77
N PHE A 625 -27.90 -11.16 14.04
CA PHE A 625 -27.03 -10.02 13.78
C PHE A 625 -27.71 -8.99 12.89
N LYS A 626 -28.40 -9.45 11.84
CA LYS A 626 -29.04 -8.51 10.92
C LYS A 626 -30.16 -7.74 11.60
N SER A 627 -30.97 -8.41 12.43
CA SER A 627 -32.05 -7.74 13.12
C SER A 627 -31.54 -6.79 14.19
N ARG A 628 -30.43 -7.14 14.83
CA ARG A 628 -29.86 -6.27 15.86
C ARG A 628 -29.42 -4.93 15.27
N TYR A 629 -28.82 -4.95 14.09
CA TYR A 629 -28.41 -3.75 13.37
C TYR A 629 -29.27 -3.66 12.11
N THR A 630 -30.46 -3.07 12.24
CA THR A 630 -31.35 -2.94 11.10
C THR A 630 -30.78 -1.99 10.06
N GLY A 631 -30.13 -0.92 10.50
CA GLY A 631 -29.53 0.01 9.57
C GLY A 631 -28.46 -0.61 8.70
N ILE A 632 -27.73 -1.59 9.24
CA ILE A 632 -26.72 -2.28 8.44
C ILE A 632 -27.38 -3.03 7.29
N ASN A 633 -28.47 -3.75 7.56
CA ASN A 633 -29.19 -4.45 6.50
C ASN A 633 -29.78 -3.46 5.49
N GLN A 634 -30.32 -2.35 5.98
CA GLN A 634 -30.85 -1.33 5.07
C GLN A 634 -29.76 -0.79 4.17
N PHE A 635 -28.57 -0.54 4.74
CA PHE A 635 -27.45 -0.08 3.94
C PHE A 635 -27.01 -1.14 2.93
N MET A 636 -27.10 -2.41 3.31
CA MET A 636 -26.74 -3.48 2.38
C MET A 636 -27.67 -3.48 1.17
N THR A 637 -28.98 -3.41 1.42
CA THR A 637 -29.94 -3.36 0.32
C THR A 637 -29.76 -2.10 -0.52
N GLU A 638 -29.48 -0.96 0.13
CA GLU A 638 -29.26 0.28 -0.61
C GLU A 638 -28.02 0.17 -1.49
N THR A 639 -26.95 -0.43 -0.98
CA THR A 639 -25.75 -0.66 -1.76
C THR A 639 -26.02 -1.54 -2.97
N VAL A 640 -26.72 -2.65 -2.76
CA VAL A 640 -27.01 -3.55 -3.88
C VAL A 640 -27.85 -2.84 -4.93
N LYS A 641 -28.88 -2.12 -4.49
CA LYS A 641 -29.75 -1.40 -5.43
C LYS A 641 -28.98 -0.33 -6.20
N ASN A 642 -28.13 0.44 -5.50
CA ASN A 642 -27.37 1.50 -6.16
C ASN A 642 -26.36 0.94 -7.15
N CYS A 643 -25.69 -0.15 -6.78
CA CYS A 643 -24.73 -0.76 -7.70
C CYS A 643 -25.43 -1.33 -8.93
N LYS A 644 -26.61 -1.93 -8.75
CA LYS A 644 -27.36 -2.42 -9.89
C LYS A 644 -27.84 -1.28 -10.78
N ARG A 645 -28.27 -0.17 -10.17
CA ARG A 645 -28.84 0.93 -10.95
C ARG A 645 -27.76 1.70 -11.71
N ASP A 646 -26.64 2.01 -11.05
CA ASP A 646 -25.64 2.88 -11.63
C ASP A 646 -24.49 2.11 -12.29
N GLY A 647 -24.29 0.84 -11.92
CA GLY A 647 -23.17 0.08 -12.44
C GLY A 647 -21.87 0.25 -11.68
N PHE A 648 -21.84 1.14 -10.69
CA PHE A 648 -20.64 1.38 -9.89
C PHE A 648 -21.08 1.72 -8.47
N VAL A 649 -20.10 1.80 -7.57
CA VAL A 649 -20.33 2.15 -6.18
C VAL A 649 -19.40 3.29 -5.81
N GLN A 650 -19.96 4.31 -5.15
CA GLN A 650 -19.24 5.55 -4.86
C GLN A 650 -18.66 5.48 -3.44
N THR A 651 -17.37 5.78 -3.34
CA THR A 651 -16.70 5.82 -2.05
C THR A 651 -17.12 7.09 -1.30
N ILE A 652 -16.62 7.24 -0.06
CA ILE A 652 -17.04 8.35 0.79
C ILE A 652 -16.67 9.69 0.16
N LEU A 653 -15.64 9.72 -0.67
CA LEU A 653 -15.26 10.94 -1.36
C LEU A 653 -15.62 10.96 -2.83
N GLY A 654 -15.77 9.80 -3.46
CA GLY A 654 -16.21 9.75 -4.83
C GLY A 654 -15.32 8.95 -5.75
N ARG A 655 -14.39 8.17 -5.18
CA ARG A 655 -13.54 7.29 -6.00
C ARG A 655 -14.34 6.06 -6.41
N ARG A 656 -15.20 6.28 -7.41
CA ARG A 656 -16.13 5.23 -7.83
C ARG A 656 -15.37 4.02 -8.36
N ARG A 657 -15.89 2.83 -8.02
CA ARG A 657 -15.36 1.57 -8.53
C ARG A 657 -16.44 0.93 -9.38
N TYR A 658 -16.08 0.62 -10.64
CA TYR A 658 -17.05 0.09 -11.59
C TYR A 658 -17.11 -1.43 -11.46
N LEU A 659 -18.32 -1.95 -11.26
CA LEU A 659 -18.55 -3.38 -11.07
C LEU A 659 -19.62 -3.84 -12.04
N PRO A 660 -19.24 -4.13 -13.29
CA PRO A 660 -20.23 -4.65 -14.24
C PRO A 660 -20.77 -6.02 -13.86
N GLY A 661 -20.07 -6.76 -13.00
CA GLY A 661 -20.54 -8.05 -12.54
C GLY A 661 -21.85 -8.00 -11.77
N ILE A 662 -22.26 -6.82 -11.32
CA ILE A 662 -23.57 -6.67 -10.69
C ILE A 662 -24.69 -6.97 -11.67
N LYS A 663 -24.41 -6.94 -12.98
CA LYS A 663 -25.39 -7.30 -13.99
C LYS A 663 -25.17 -8.69 -14.54
N ASP A 664 -24.33 -9.49 -13.90
CA ASP A 664 -24.07 -10.86 -14.35
C ASP A 664 -25.31 -11.73 -14.14
N ASN A 665 -25.43 -12.74 -15.00
CA ASN A 665 -26.53 -13.70 -14.90
C ASN A 665 -26.20 -14.89 -14.03
N ASN A 666 -24.93 -15.26 -13.91
CA ASN A 666 -24.53 -16.36 -13.04
C ASN A 666 -24.78 -15.96 -11.59
N PRO A 667 -25.52 -16.76 -10.81
CA PRO A 667 -25.82 -16.35 -9.43
C PRO A 667 -24.59 -16.13 -8.57
N TYR A 668 -23.55 -16.95 -8.72
CA TYR A 668 -22.35 -16.76 -7.91
C TYR A 668 -21.66 -15.45 -8.26
N ARG A 669 -21.55 -15.13 -9.55
CA ARG A 669 -20.90 -13.89 -9.95
C ARG A 669 -21.68 -12.68 -9.46
N LYS A 670 -23.02 -12.73 -9.55
CA LYS A 670 -23.84 -11.64 -9.06
C LYS A 670 -23.68 -11.47 -7.55
N ALA A 671 -23.69 -12.56 -6.81
CA ALA A 671 -23.52 -12.48 -5.36
C ALA A 671 -22.14 -11.93 -5.00
N HIS A 672 -21.10 -12.37 -5.71
CA HIS A 672 -19.76 -11.86 -5.46
C HIS A 672 -19.69 -10.37 -5.77
N ALA A 673 -20.36 -9.94 -6.84
CA ALA A 673 -20.38 -8.52 -7.17
C ALA A 673 -21.07 -7.71 -6.08
N GLU A 674 -22.20 -8.21 -5.57
CA GLU A 674 -22.89 -7.51 -4.48
C GLU A 674 -21.99 -7.41 -3.25
N ARG A 675 -21.38 -8.53 -2.86
CA ARG A 675 -20.53 -8.54 -1.68
C ARG A 675 -19.32 -7.62 -1.86
N GLN A 676 -18.73 -7.61 -3.05
CA GLN A 676 -17.57 -6.75 -3.27
C GLN A 676 -17.96 -5.29 -3.38
N ALA A 677 -19.19 -4.98 -3.79
CA ALA A 677 -19.65 -3.59 -3.75
C ALA A 677 -19.85 -3.12 -2.31
N ILE A 678 -20.51 -3.94 -1.49
CA ILE A 678 -20.64 -3.64 -0.08
C ILE A 678 -19.28 -3.44 0.56
N ASN A 679 -18.34 -4.34 0.26
CA ASN A 679 -17.00 -4.20 0.83
C ASN A 679 -16.28 -3.00 0.24
N THR A 680 -16.56 -2.62 -1.00
CA THR A 680 -15.86 -1.49 -1.60
C THR A 680 -16.23 -0.19 -0.91
N ILE A 681 -17.53 0.08 -0.76
CA ILE A 681 -17.91 1.38 -0.21
C ILE A 681 -17.43 1.56 1.23
N VAL A 682 -17.07 0.48 1.92
CA VAL A 682 -16.59 0.56 3.29
C VAL A 682 -15.06 0.49 3.36
N GLN A 683 -14.46 -0.47 2.66
CA GLN A 683 -13.02 -0.68 2.71
C GLN A 683 -12.27 0.40 1.94
N GLY A 684 -12.74 0.75 0.73
CA GLY A 684 -12.16 1.88 0.04
C GLY A 684 -12.35 3.18 0.78
N SER A 685 -13.49 3.33 1.46
CA SER A 685 -13.69 4.50 2.31
C SER A 685 -12.70 4.52 3.46
N ALA A 686 -12.43 3.35 4.07
CA ALA A 686 -11.43 3.29 5.13
C ALA A 686 -10.06 3.64 4.60
N ALA A 687 -9.69 3.12 3.43
CA ALA A 687 -8.40 3.45 2.83
C ALA A 687 -8.32 4.93 2.46
N ASP A 688 -9.42 5.52 2.04
CA ASP A 688 -9.43 6.92 1.64
C ASP A 688 -9.34 7.81 2.87
N ILE A 689 -10.02 7.44 3.96
CA ILE A 689 -9.86 8.12 5.24
C ILE A 689 -8.42 8.01 5.72
N VAL A 690 -7.82 6.84 5.55
CA VAL A 690 -6.42 6.64 5.93
C VAL A 690 -5.52 7.53 5.10
N LYS A 691 -5.79 7.66 3.80
CA LYS A 691 -5.00 8.53 2.95
C LYS A 691 -5.15 10.00 3.34
N ILE A 692 -6.37 10.42 3.69
CA ILE A 692 -6.57 11.78 4.18
C ILE A 692 -5.80 12.01 5.47
N ALA A 693 -5.85 11.03 6.38
CA ALA A 693 -5.11 11.15 7.63
C ALA A 693 -3.61 11.23 7.37
N THR A 694 -3.11 10.44 6.42
CA THR A 694 -1.69 10.49 6.07
C THR A 694 -1.32 11.85 5.50
N VAL A 695 -2.17 12.41 4.63
CA VAL A 695 -1.89 13.73 4.06
C VAL A 695 -1.86 14.78 5.15
N ASN A 696 -2.84 14.74 6.06
CA ASN A 696 -2.90 15.72 7.14
C ASN A 696 -1.70 15.59 8.07
N ILE A 697 -1.30 14.36 8.40
CA ILE A 697 -0.15 14.16 9.27
C ILE A 697 1.12 14.64 8.59
N GLN A 698 1.26 14.37 7.29
CA GLN A 698 2.43 14.85 6.57
C GLN A 698 2.47 16.37 6.55
N LYS A 699 1.32 17.02 6.33
CA LYS A 699 1.28 18.47 6.38
C LYS A 699 1.71 18.98 7.75
N GLN A 700 1.16 18.39 8.82
CA GLN A 700 1.44 18.90 10.15
C GLN A 700 2.88 18.64 10.57
N LEU A 701 3.47 17.53 10.16
CA LEU A 701 4.88 17.27 10.46
C LEU A 701 5.81 17.97 9.47
N GLU A 702 5.27 18.57 8.41
CA GLU A 702 6.08 19.45 7.57
C GLU A 702 6.12 20.87 8.15
N THR A 703 4.98 21.41 8.55
CA THR A 703 4.99 22.72 9.20
C THR A 703 5.75 22.68 10.52
N PHE A 704 5.56 21.62 11.31
CA PHE A 704 6.32 21.43 12.53
C PHE A 704 7.57 20.62 12.24
N HIS A 705 8.41 20.46 13.26
CA HIS A 705 9.63 19.66 13.20
C HIS A 705 10.44 20.00 11.94
N SER A 706 10.95 21.24 11.93
CA SER A 706 11.67 21.75 10.77
C SER A 706 12.93 20.93 10.50
N THR A 707 12.89 20.11 9.46
CA THR A 707 13.96 19.17 9.12
C THR A 707 13.66 18.63 7.72
N PHE A 708 14.46 17.67 7.28
CA PHE A 708 14.19 16.98 6.03
C PHE A 708 12.89 16.18 6.13
N LYS A 709 12.08 16.23 5.07
CA LYS A 709 10.79 15.57 5.07
C LYS A 709 10.90 14.05 5.00
N SER A 710 12.09 13.51 4.73
CA SER A 710 12.25 12.07 4.55
C SER A 710 13.72 11.72 4.73
N HIS A 711 13.97 10.43 4.96
CA HIS A 711 15.35 9.95 5.01
C HIS A 711 16.03 10.13 3.65
N GLY A 712 15.27 9.96 2.56
CA GLY A 712 15.82 10.24 1.25
C GLY A 712 16.17 11.70 1.07
N HIS A 713 15.37 12.59 1.66
CA HIS A 713 15.72 14.01 1.65
C HIS A 713 17.03 14.25 2.40
N ARG A 714 17.24 13.55 3.51
CA ARG A 714 18.50 13.65 4.23
C ARG A 714 19.66 13.14 3.36
N GLU A 715 19.44 12.05 2.64
CA GLU A 715 20.49 11.51 1.77
C GLU A 715 20.84 12.48 0.66
N GLY A 716 19.82 13.12 0.06
CA GLY A 716 20.08 14.03 -1.04
C GLY A 716 20.69 15.35 -0.57
N MET A 717 20.02 16.02 0.36
CA MET A 717 20.51 17.29 0.89
C MET A 717 20.73 17.20 2.39
N PHE A 735 23.43 16.21 9.78
CA PHE A 735 23.74 16.90 11.02
C PHE A 735 22.53 16.95 11.94
N CYS A 736 22.78 17.09 13.25
CA CYS A 736 21.78 17.21 14.30
C CYS A 736 20.99 15.91 14.47
N PRO A 737 20.39 15.68 15.64
CA PRO A 737 19.60 14.46 15.82
C PRO A 737 18.35 14.46 14.95
N ILE A 738 17.91 13.24 14.61
CA ILE A 738 16.72 13.07 13.79
C ILE A 738 15.49 13.47 14.57
N ARG A 739 14.58 14.19 13.93
CA ARG A 739 13.36 14.69 14.58
C ARG A 739 12.28 14.82 13.51
N GLY A 740 11.36 13.86 13.46
CA GLY A 740 10.29 13.93 12.48
C GLY A 740 9.36 12.75 12.62
N GLY A 741 8.36 12.72 11.73
CA GLY A 741 7.37 11.66 11.71
C GLY A 741 7.81 10.45 10.89
N PHE A 742 8.12 10.67 9.62
CA PHE A 742 8.72 9.66 8.75
C PHE A 742 7.81 8.43 8.61
N PHE A 743 6.68 8.66 7.94
CA PHE A 743 5.78 7.60 7.49
C PHE A 743 6.57 6.46 6.87
N ILE A 744 6.42 5.26 7.43
CA ILE A 744 7.19 4.09 7.01
C ILE A 744 6.32 2.99 6.44
N LEU A 745 5.13 2.77 7.01
CA LEU A 745 4.31 1.65 6.57
C LEU A 745 2.84 1.95 6.84
N GLN A 746 1.98 1.37 6.00
CA GLN A 746 0.53 1.46 6.16
C GLN A 746 -0.05 0.05 6.15
N LEU A 747 -1.06 -0.19 6.99
CA LEU A 747 -1.72 -1.49 7.09
C LEU A 747 -3.19 -1.39 6.74
N HIS A 748 -3.54 -0.44 5.87
CA HIS A 748 -4.89 -0.25 5.32
C HIS A 748 -5.85 0.34 6.36
N ASP A 749 -5.44 0.35 7.63
CA ASP A 749 -6.10 1.16 8.64
C ASP A 749 -5.13 1.72 9.66
N GLU A 750 -3.85 1.39 9.55
CA GLU A 750 -2.86 1.70 10.58
C GLU A 750 -1.70 2.43 9.94
N LEU A 751 -1.30 3.54 10.55
CA LEU A 751 -0.24 4.40 10.03
C LEU A 751 0.98 4.25 10.94
N LEU A 752 1.93 3.40 10.54
CA LEU A 752 3.19 3.29 11.25
C LEU A 752 4.07 4.49 10.94
N TYR A 753 4.66 5.07 11.97
CA TYR A 753 5.52 6.24 11.81
C TYR A 753 6.83 6.01 12.56
N GLU A 754 7.94 6.37 11.94
CA GLU A 754 9.26 6.22 12.56
C GLU A 754 9.64 7.48 13.33
N VAL A 755 8.81 7.78 14.34
CA VAL A 755 8.95 9.03 15.07
C VAL A 755 10.15 8.96 16.01
N ALA A 756 10.92 10.04 16.07
CA ALA A 756 12.07 10.10 16.94
C ALA A 756 11.65 10.16 18.41
N GLU A 757 12.58 9.79 19.29
CA GLU A 757 12.28 9.72 20.71
C GLU A 757 11.95 11.10 21.27
N GLU A 758 12.63 12.14 20.79
CA GLU A 758 12.41 13.48 21.32
C GLU A 758 10.98 13.94 21.09
N ASP A 759 10.41 13.65 19.91
CA ASP A 759 9.07 14.07 19.56
C ASP A 759 8.08 12.91 19.56
N VAL A 760 8.30 11.91 20.40
CA VAL A 760 7.35 10.79 20.48
C VAL A 760 5.99 11.28 20.93
N VAL A 761 5.96 12.07 22.01
CA VAL A 761 4.69 12.55 22.55
C VAL A 761 4.03 13.56 21.61
N GLN A 762 4.82 14.51 21.09
CA GLN A 762 4.26 15.56 20.26
C GLN A 762 3.72 15.01 18.95
N VAL A 763 4.53 14.18 18.26
CA VAL A 763 4.07 13.62 17.00
C VAL A 763 2.97 12.59 17.24
N ALA A 764 3.00 11.90 18.38
CA ALA A 764 1.90 10.98 18.70
C ALA A 764 0.59 11.75 18.83
N GLN A 765 0.62 12.88 19.54
CA GLN A 765 -0.57 13.71 19.67
C GLN A 765 -1.00 14.26 18.32
N ILE A 766 -0.04 14.68 17.49
CA ILE A 766 -0.36 15.22 16.17
C ILE A 766 -1.03 14.14 15.31
N VAL A 767 -0.48 12.93 15.33
CA VAL A 767 -1.02 11.84 14.52
C VAL A 767 -2.42 11.48 15.00
N LYS A 768 -2.60 11.35 16.32
CA LYS A 768 -3.92 11.01 16.85
C LYS A 768 -4.93 12.09 16.52
N ASN A 769 -4.55 13.36 16.65
CA ASN A 769 -5.47 14.45 16.34
C ASN A 769 -5.83 14.47 14.86
N GLU A 770 -4.83 14.33 13.98
CA GLU A 770 -5.10 14.40 12.55
C GLU A 770 -5.82 13.17 12.03
N MET A 771 -5.76 12.05 12.75
CA MET A 771 -6.51 10.87 12.35
C MET A 771 -7.94 10.92 12.88
N GLU A 772 -8.14 11.42 14.10
CA GLU A 772 -9.49 11.57 14.62
C GLU A 772 -10.21 12.74 13.97
N SER A 773 -9.51 13.85 13.75
CA SER A 773 -10.08 15.05 13.14
C SER A 773 -10.03 15.01 11.62
N ALA A 774 -9.75 13.84 11.04
CA ALA A 774 -9.87 13.65 9.61
C ALA A 774 -11.36 13.69 9.26
N VAL A 775 -11.70 13.38 8.01
CA VAL A 775 -13.08 13.52 7.53
C VAL A 775 -14.02 12.85 8.51
N LYS A 776 -14.92 13.63 9.09
CA LYS A 776 -15.67 13.24 10.26
C LYS A 776 -17.00 12.62 9.88
N LEU A 777 -17.47 11.71 10.72
CA LEU A 777 -18.67 10.93 10.48
C LEU A 777 -19.66 11.16 11.61
N SER A 778 -20.82 10.50 11.50
CA SER A 778 -21.77 10.50 12.61
C SER A 778 -21.23 9.74 13.82
N VAL A 779 -20.22 8.90 13.62
CA VAL A 779 -19.55 8.17 14.69
C VAL A 779 -18.14 8.74 14.85
N LYS A 780 -17.77 9.04 16.09
CA LYS A 780 -16.42 9.52 16.36
C LYS A 780 -15.41 8.48 15.93
N LEU A 781 -14.39 8.90 15.18
CA LEU A 781 -13.33 8.02 14.72
C LEU A 781 -12.27 7.94 15.80
N LYS A 782 -12.10 6.76 16.40
CA LYS A 782 -11.13 6.55 17.46
C LYS A 782 -9.91 5.81 16.92
N VAL A 783 -8.74 6.15 17.48
CA VAL A 783 -7.49 5.48 17.16
C VAL A 783 -6.85 5.04 18.46
N LYS A 784 -5.93 4.08 18.36
CA LYS A 784 -5.16 3.60 19.48
C LYS A 784 -3.68 3.76 19.12
N VAL A 785 -3.10 4.89 19.52
CA VAL A 785 -1.69 5.13 19.26
C VAL A 785 -0.86 4.19 20.12
N LYS A 786 0.04 3.45 19.48
CA LYS A 786 0.88 2.46 20.14
C LYS A 786 2.34 2.81 19.89
N ILE A 787 3.10 2.93 20.98
CA ILE A 787 4.51 3.26 20.95
C ILE A 787 5.30 1.97 21.17
N GLY A 788 6.33 1.77 20.36
CA GLY A 788 7.13 0.57 20.51
C GLY A 788 8.58 0.80 20.12
N ALA A 789 9.48 0.08 20.78
CA ALA A 789 10.85 -0.01 20.31
C ALA A 789 10.97 -0.79 19.02
N SER A 790 9.89 -1.46 18.60
CA SER A 790 9.83 -2.18 17.34
C SER A 790 8.36 -2.30 16.97
N TRP A 791 8.10 -3.01 15.86
CA TRP A 791 6.74 -3.31 15.47
C TRP A 791 6.14 -4.46 16.26
N GLY A 792 6.93 -5.14 17.08
CA GLY A 792 6.43 -6.22 17.90
C GLY A 792 5.88 -5.77 19.23
N GLU A 793 6.68 -5.06 20.02
CA GLU A 793 6.30 -4.63 21.36
C GLU A 793 5.64 -3.25 21.27
N LEU A 794 4.46 -3.22 20.66
CA LEU A 794 3.71 -1.98 20.52
C LEU A 794 2.86 -1.78 21.76
N LYS A 795 3.47 -1.19 22.78
CA LYS A 795 2.75 -0.90 24.01
C LYS A 795 1.78 0.25 23.80
N ASP A 796 0.62 0.16 24.46
CA ASP A 796 -0.41 1.17 24.30
C ASP A 796 0.09 2.52 24.81
N PHE A 797 -0.33 3.58 24.13
CA PHE A 797 0.10 4.94 24.45
C PHE A 797 -1.14 5.84 24.41
N ASP A 798 -1.69 6.13 25.58
CA ASP A 798 -2.92 6.91 25.69
C ASP A 798 -2.66 8.40 25.93
N VAL A 799 -1.40 8.82 25.95
CA VAL A 799 -1.07 10.22 26.16
C VAL A 799 -1.18 11.00 24.86
P 2DA C 20 -3.19 -7.75 10.85
OP1 2DA C 20 -2.68 -6.97 11.99
OP2 2DA C 20 -4.06 -8.95 11.01
O5' 2DA C 20 -3.96 -6.80 9.85
C5' 2DA C 20 -3.43 -5.52 9.54
C4' 2DA C 20 -4.24 -5.03 8.37
O4' 2DA C 20 -4.76 -6.15 7.73
C3' 2DA C 20 -5.45 -4.31 8.86
C2' 2DA C 20 -6.54 -4.89 8.02
C1' 2DA C 20 -5.87 -5.77 7.03
N9 2DA C 20 -6.56 -7.02 6.91
C8 2DA C 20 -6.28 -8.05 7.64
N7 2DA C 20 -7.07 -9.08 7.31
C5 2DA C 20 -7.86 -8.68 6.35
C6 2DA C 20 -8.91 -9.30 5.58
N6 2DA C 20 -9.25 -10.57 5.78
N1 2DA C 20 -9.51 -8.54 4.66
C2 2DA C 20 -9.16 -7.28 4.47
N3 2DA C 20 -8.19 -6.67 5.14
C4 2DA C 20 -7.52 -7.32 6.08
PG DGT D . -9.01 -3.57 16.16
O1G DGT D . -7.76 -2.95 15.60
O2G DGT D . -9.49 -2.74 17.32
O3G DGT D . -8.68 -4.97 16.63
O3B DGT D . -10.17 -3.63 15.00
PB DGT D . -9.86 -3.48 13.45
O1B DGT D . -11.22 -3.29 12.65
O2B DGT D . -8.98 -2.28 13.22
O3A DGT D . -9.15 -4.80 12.94
PA DGT D . -7.86 -4.86 11.99
O1A DGT D . -7.26 -6.23 12.05
O2A DGT D . -6.84 -3.85 12.45
O5' DGT D . -8.32 -4.51 10.45
C5' DGT D . -8.58 -3.17 10.16
C4' DGT D . -9.21 -3.06 8.79
O4' DGT D . -9.28 -4.37 8.17
C3' DGT D . -10.63 -2.56 8.95
O3' DGT D . -10.93 -1.61 7.90
C2' DGT D . -11.46 -3.82 8.77
C1' DGT D . -10.63 -4.61 7.79
N9 DGT D . -10.93 -6.02 7.89
C8 DGT D . -10.20 -6.43 8.96
N7 DGT D . -10.38 -7.74 9.18
C5 DGT D . -11.22 -8.16 8.25
C6 DGT D . -11.80 -9.47 7.95
O6 DGT D . -11.56 -10.47 8.61
N1 DGT D . -12.65 -9.49 6.87
C2 DGT D . -12.95 -8.40 6.11
N2 DGT D . -13.79 -8.52 5.08
N3 DGT D . -12.42 -7.22 6.37
C4 DGT D . -11.56 -7.06 7.42
MG MG E . -7.38 -1.10 13.52
#